data_5U50
#
_entry.id   5U50
#
_cell.length_a   140.165
_cell.length_b   228.406
_cell.length_c   85.890
_cell.angle_alpha   90.000
_cell.angle_beta   90.000
_cell.angle_gamma   90.000
#
_symmetry.space_group_name_H-M   'C 2 2 21'
#
loop_
_entity.id
_entity.type
_entity.pdbx_description
1 polymer 'Repressor of RNA polymerase III transcription'
2 water water
#
_entity_poly.entity_id   1
_entity_poly.type   'polypeptide(L)'
_entity_poly.pdbx_seq_one_letter_code
;MGSSHHHHHHSSGLVPRGSHMASMTGGQQMGRGSEFELRRPMKFLEYTPLDRINDFLDHLNLGERTIKGCLEAYSCKHTG
TDKRLSISLEHEILDYLGKSLDTDSSSPAEFLLSRSSRKALIYLVLTLYHMYPDYDFSAVKAHQFFTEESWNTFKQIFET
YMFEASKEWSETYGGSSLLETLYKALDEVVKLPECEIYSYNPDSDSDPFLEKGAIWSFNFFFYNRKLKRVVSFRFSCLSN
LVAEGFLVNDSTYEEDGEIFDDMDM
;
_entity_poly.pdbx_strand_id   A,B,C,D
#
# COMPACT_ATOMS: atom_id res chain seq x y z
N PRO A 49 -17.89 -12.21 16.98
CA PRO A 49 -17.05 -13.32 17.46
C PRO A 49 -15.90 -13.62 16.49
N LEU A 50 -16.26 -14.22 15.36
CA LEU A 50 -15.31 -14.46 14.27
C LEU A 50 -14.70 -13.17 13.75
N ASP A 51 -15.41 -12.05 13.93
CA ASP A 51 -15.03 -10.78 13.35
C ASP A 51 -13.65 -10.28 13.82
N ARG A 52 -13.30 -10.50 15.09
CA ARG A 52 -11.98 -10.05 15.53
C ARG A 52 -10.87 -10.76 14.76
N ILE A 53 -10.99 -12.08 14.60
CA ILE A 53 -9.98 -12.83 13.87
C ILE A 53 -9.95 -12.40 12.40
N ASN A 54 -11.12 -12.32 11.76
CA ASN A 54 -11.16 -11.94 10.35
C ASN A 54 -10.59 -10.53 10.14
N ASP A 55 -10.84 -9.61 11.07
CA ASP A 55 -10.23 -8.28 11.00
C ASP A 55 -8.73 -8.34 11.19
N PHE A 56 -8.27 -9.20 12.11
CA PHE A 56 -6.83 -9.31 12.34
C PHE A 56 -6.14 -9.85 11.09
N LEU A 57 -6.75 -10.84 10.43
CA LEU A 57 -6.18 -11.48 9.26
C LEU A 57 -6.71 -10.90 7.95
N ASP A 58 -7.35 -9.73 7.99
CA ASP A 58 -7.80 -9.07 6.77
C ASP A 58 -6.60 -8.40 6.13
N HIS A 59 -5.94 -9.10 5.22
CA HIS A 59 -4.74 -8.62 4.56
C HIS A 59 -3.75 -8.08 5.60
N LEU A 60 -3.22 -9.02 6.39
CA LEU A 60 -2.22 -8.71 7.39
C LEU A 60 -0.83 -8.65 6.76
N ASN A 61 -0.16 -7.51 6.90
CA ASN A 61 1.10 -7.24 6.23
C ASN A 61 2.23 -7.42 7.24
N LEU A 62 3.23 -8.21 6.87
CA LEU A 62 4.41 -8.47 7.69
C LEU A 62 5.66 -7.86 7.05
N GLY A 63 5.49 -6.73 6.38
CA GLY A 63 6.55 -5.97 5.73
C GLY A 63 6.68 -6.22 4.23
N GLU A 64 6.96 -7.46 3.85
CA GLU A 64 7.05 -7.82 2.44
C GLU A 64 6.01 -8.85 2.02
N ARG A 65 5.58 -9.72 2.92
CA ARG A 65 4.57 -10.71 2.64
C ARG A 65 3.28 -10.38 3.38
N THR A 66 2.18 -10.94 2.91
CA THR A 66 0.86 -10.68 3.46
C THR A 66 0.14 -11.98 3.75
N ILE A 67 -0.53 -12.05 4.89
CA ILE A 67 -1.29 -13.22 5.30
C ILE A 67 -2.76 -12.88 5.16
N LYS A 68 -3.50 -13.76 4.50
CA LYS A 68 -4.94 -13.60 4.29
C LYS A 68 -5.65 -14.72 5.03
N GLY A 69 -6.64 -14.35 5.83
CA GLY A 69 -7.41 -15.31 6.58
C GLY A 69 -8.88 -14.97 6.56
N CYS A 70 -9.72 -15.99 6.46
CA CYS A 70 -11.16 -15.77 6.38
C CYS A 70 -11.85 -16.93 7.07
N LEU A 71 -12.65 -16.60 8.07
CA LEU A 71 -13.52 -17.55 8.78
C LEU A 71 -14.96 -17.31 8.38
N GLU A 72 -15.67 -18.39 8.03
CA GLU A 72 -17.08 -18.30 7.65
C GLU A 72 -17.86 -19.44 8.29
N ALA A 73 -19.03 -19.12 8.83
CA ALA A 73 -19.90 -20.11 9.45
C ALA A 73 -21.10 -20.37 8.54
N TYR A 74 -21.49 -21.64 8.44
CA TYR A 74 -22.56 -22.06 7.55
C TYR A 74 -23.46 -23.08 8.24
N SER A 75 -24.77 -22.81 8.20
CA SER A 75 -25.80 -23.73 8.66
C SER A 75 -26.41 -24.40 7.43
N CYS A 76 -26.31 -25.72 7.36
CA CYS A 76 -26.73 -26.44 6.17
C CYS A 76 -28.25 -26.45 6.05
N LYS A 77 -28.73 -26.15 4.85
CA LYS A 77 -30.16 -26.10 4.56
C LYS A 77 -30.58 -27.37 3.83
N HIS A 78 -31.78 -27.85 4.16
CA HIS A 78 -32.41 -28.95 3.44
C HIS A 78 -33.71 -28.49 2.79
N THR A 79 -33.73 -27.24 2.33
CA THR A 79 -34.85 -26.69 1.59
C THR A 79 -34.32 -25.81 0.47
N GLY A 80 -35.01 -25.82 -0.66
CA GLY A 80 -34.67 -24.91 -1.74
C GLY A 80 -33.56 -25.42 -2.63
N THR A 81 -32.64 -24.51 -3.00
CA THR A 81 -31.58 -24.85 -3.94
C THR A 81 -30.69 -25.97 -3.39
N ASP A 82 -30.36 -25.90 -2.11
CA ASP A 82 -29.43 -26.87 -1.53
C ASP A 82 -30.00 -28.29 -1.52
N LYS A 83 -31.32 -28.46 -1.38
CA LYS A 83 -31.89 -29.80 -1.43
C LYS A 83 -31.66 -30.43 -2.80
N ARG A 84 -31.98 -29.69 -3.86
CA ARG A 84 -31.75 -30.16 -5.23
C ARG A 84 -30.27 -30.42 -5.47
N LEU A 85 -29.41 -29.52 -5.02
CA LEU A 85 -27.97 -29.71 -5.15
C LEU A 85 -27.53 -30.99 -4.45
N SER A 86 -28.04 -31.24 -3.25
CA SER A 86 -27.67 -32.44 -2.50
C SER A 86 -28.10 -33.70 -3.24
N ILE A 87 -29.31 -33.69 -3.80
CA ILE A 87 -29.77 -34.85 -4.57
C ILE A 87 -28.84 -35.09 -5.76
N SER A 88 -28.53 -34.03 -6.50
CA SER A 88 -27.67 -34.16 -7.66
C SER A 88 -26.28 -34.64 -7.29
N LEU A 89 -25.72 -34.10 -6.21
CA LEU A 89 -24.38 -34.48 -5.79
C LEU A 89 -24.31 -35.94 -5.36
N GLU A 90 -25.26 -36.37 -4.51
CA GLU A 90 -25.21 -37.76 -4.07
C GLU A 90 -25.51 -38.71 -5.22
N HIS A 91 -26.30 -38.27 -6.20
CA HIS A 91 -26.48 -39.10 -7.39
C HIS A 91 -25.20 -39.18 -8.22
N GLU A 92 -24.43 -38.09 -8.30
CA GLU A 92 -23.17 -38.11 -9.03
C GLU A 92 -22.16 -39.04 -8.37
N ILE A 93 -22.11 -39.03 -7.03
CA ILE A 93 -21.07 -39.78 -6.35
C ILE A 93 -21.48 -41.23 -6.22
N LEU A 94 -22.78 -41.51 -6.07
CA LEU A 94 -23.20 -42.91 -6.04
C LEU A 94 -23.09 -43.53 -7.43
N ASP A 95 -23.51 -42.80 -8.48
CA ASP A 95 -23.32 -43.26 -9.84
C ASP A 95 -21.85 -43.50 -10.16
N TYR A 96 -20.95 -42.72 -9.57
CA TYR A 96 -19.52 -42.98 -9.74
C TYR A 96 -19.07 -44.28 -9.06
N LEU A 97 -19.96 -44.95 -8.32
CA LEU A 97 -19.61 -46.21 -7.68
C LEU A 97 -20.53 -47.33 -8.17
N LEU A 112 -8.35 -37.63 -0.30
CA LEU A 112 -9.28 -38.69 -0.66
C LEU A 112 -10.14 -39.11 0.52
N LEU A 113 -11.46 -38.96 0.38
CA LEU A 113 -12.37 -39.32 1.45
C LEU A 113 -12.67 -40.81 1.43
N SER A 114 -13.07 -41.33 2.59
CA SER A 114 -13.56 -42.69 2.70
C SER A 114 -15.08 -42.69 2.81
N ARG A 115 -15.65 -43.88 3.00
CA ARG A 115 -17.10 -43.98 3.08
C ARG A 115 -17.65 -43.35 4.36
N SER A 116 -16.87 -43.39 5.46
CA SER A 116 -17.35 -42.78 6.70
C SER A 116 -17.50 -41.27 6.57
N SER A 117 -16.90 -40.66 5.55
CA SER A 117 -17.07 -39.25 5.26
C SER A 117 -17.92 -39.00 4.03
N ARG A 118 -18.46 -40.08 3.43
CA ARG A 118 -19.32 -39.94 2.26
C ARG A 118 -20.48 -38.99 2.52
N LYS A 119 -20.91 -38.89 3.77
CA LYS A 119 -21.98 -37.97 4.13
C LYS A 119 -21.47 -36.52 4.10
N ALA A 120 -20.37 -36.28 4.82
CA ALA A 120 -19.82 -34.93 4.92
C ALA A 120 -19.48 -34.36 3.55
N LEU A 121 -19.00 -35.22 2.64
CA LEU A 121 -18.67 -34.79 1.29
C LEU A 121 -19.75 -33.90 0.72
N ILE A 122 -21.01 -34.36 0.80
CA ILE A 122 -22.11 -33.58 0.24
C ILE A 122 -22.08 -32.14 0.79
N TYR A 123 -22.19 -32.01 2.11
CA TYR A 123 -22.25 -30.67 2.69
C TYR A 123 -21.00 -29.89 2.36
N LEU A 124 -19.84 -30.56 2.34
CA LEU A 124 -18.61 -29.87 1.97
C LEU A 124 -18.77 -29.19 0.62
N VAL A 125 -19.24 -29.95 -0.38
CA VAL A 125 -19.41 -29.36 -1.70
C VAL A 125 -20.41 -28.22 -1.64
N LEU A 126 -21.46 -28.39 -0.83
CA LEU A 126 -22.45 -27.32 -0.66
C LEU A 126 -21.76 -26.04 -0.17
N THR A 127 -20.90 -26.15 0.84
CA THR A 127 -20.20 -24.96 1.31
C THR A 127 -19.37 -24.35 0.18
N LEU A 128 -18.72 -25.21 -0.61
CA LEU A 128 -17.96 -24.74 -1.77
C LEU A 128 -18.85 -23.91 -2.69
N TYR A 129 -20.03 -24.44 -3.01
CA TYR A 129 -20.94 -23.70 -3.88
C TYR A 129 -21.34 -22.38 -3.26
N HIS A 130 -21.44 -22.33 -1.92
CA HIS A 130 -21.83 -21.08 -1.29
C HIS A 130 -20.72 -20.04 -1.41
N MET A 131 -19.47 -20.47 -1.50
CA MET A 131 -18.40 -19.48 -1.63
C MET A 131 -18.18 -19.08 -3.08
N TYR A 132 -18.30 -20.03 -4.01
CA TYR A 132 -18.14 -19.76 -5.45
C TYR A 132 -19.26 -20.45 -6.20
N PRO A 133 -20.43 -19.83 -6.28
CA PRO A 133 -21.61 -20.48 -6.87
C PRO A 133 -21.56 -20.61 -8.39
N ASP A 134 -20.60 -20.01 -9.07
CA ASP A 134 -20.51 -20.09 -10.52
C ASP A 134 -19.51 -21.12 -10.99
N TYR A 135 -18.86 -21.84 -10.09
CA TYR A 135 -17.83 -22.80 -10.43
C TYR A 135 -18.41 -24.21 -10.47
N ASP A 136 -18.00 -24.98 -11.48
CA ASP A 136 -18.53 -26.34 -11.66
C ASP A 136 -17.79 -27.27 -10.73
N PHE A 137 -18.24 -27.32 -9.48
CA PHE A 137 -17.71 -28.29 -8.54
C PHE A 137 -18.33 -29.65 -8.83
N SER A 138 -17.58 -30.70 -8.53
CA SER A 138 -17.97 -32.07 -8.82
C SER A 138 -17.79 -32.94 -7.60
N ALA A 139 -18.79 -33.78 -7.31
CA ALA A 139 -18.70 -34.65 -6.15
C ALA A 139 -17.55 -35.64 -6.27
N VAL A 140 -17.21 -36.05 -7.50
CA VAL A 140 -16.13 -37.02 -7.66
C VAL A 140 -14.78 -36.36 -7.43
N LYS A 141 -14.54 -35.19 -8.05
CA LYS A 141 -13.25 -34.54 -7.86
C LYS A 141 -13.11 -33.94 -6.47
N ALA A 142 -14.24 -33.55 -5.86
CA ALA A 142 -14.18 -33.10 -4.48
C ALA A 142 -13.94 -34.27 -3.54
N HIS A 143 -14.56 -35.41 -3.84
CA HIS A 143 -14.26 -36.64 -3.10
C HIS A 143 -12.77 -36.95 -3.20
N GLN A 144 -12.13 -36.54 -4.30
CA GLN A 144 -10.69 -36.72 -4.44
C GLN A 144 -9.90 -35.67 -3.66
N PHE A 145 -10.35 -34.41 -3.69
CA PHE A 145 -9.55 -33.29 -3.17
C PHE A 145 -9.71 -33.08 -1.67
N PHE A 146 -10.80 -33.56 -1.07
CA PHE A 146 -11.00 -33.41 0.35
C PHE A 146 -10.25 -34.51 1.10
N THR A 147 -9.64 -34.15 2.22
CA THR A 147 -8.93 -35.10 3.07
C THR A 147 -9.30 -34.86 4.53
N GLU A 148 -9.70 -35.92 5.21
CA GLU A 148 -10.04 -35.78 6.61
C GLU A 148 -8.77 -35.70 7.44
N GLU A 149 -8.70 -34.71 8.31
CA GLU A 149 -7.52 -34.41 9.11
C GLU A 149 -7.90 -34.47 10.58
N SER A 150 -6.90 -34.35 11.44
CA SER A 150 -7.11 -34.32 12.87
C SER A 150 -6.83 -32.92 13.39
N TRP A 151 -7.33 -32.64 14.60
CA TRP A 151 -7.03 -31.36 15.21
C TRP A 151 -5.53 -31.18 15.40
N ASN A 152 -4.81 -32.27 15.69
CA ASN A 152 -3.37 -32.17 15.90
C ASN A 152 -2.66 -31.73 14.63
N THR A 153 -3.01 -32.33 13.50
CA THR A 153 -2.39 -31.93 12.23
C THR A 153 -2.66 -30.47 11.92
N PHE A 154 -3.91 -30.03 12.08
CA PHE A 154 -4.25 -28.63 11.86
C PHE A 154 -3.48 -27.73 12.82
N LYS A 155 -3.32 -28.17 14.07
CA LYS A 155 -2.59 -27.39 15.03
C LYS A 155 -1.14 -27.21 14.58
N GLN A 156 -0.49 -28.31 14.16
CA GLN A 156 0.89 -28.21 13.71
C GLN A 156 1.01 -27.29 12.51
N ILE A 157 0.08 -27.41 11.56
CA ILE A 157 0.09 -26.52 10.40
C ILE A 157 -0.03 -25.07 10.85
N PHE A 158 -0.89 -24.81 11.84
CA PHE A 158 -1.10 -23.43 12.28
C PHE A 158 0.11 -22.88 13.03
N GLU A 159 0.72 -23.68 13.89
CA GLU A 159 1.88 -23.19 14.64
C GLU A 159 3.10 -23.03 13.75
N THR A 160 3.21 -23.84 12.69
CA THR A 160 4.34 -23.71 11.78
C THR A 160 4.15 -22.57 10.81
N TYR A 161 2.97 -22.44 10.20
CA TYR A 161 2.81 -21.48 9.13
C TYR A 161 2.33 -20.13 9.63
N MET A 162 1.53 -20.10 10.69
CA MET A 162 0.98 -18.84 11.19
C MET A 162 1.71 -18.38 12.45
N PHE A 163 3.00 -18.71 12.55
CA PHE A 163 3.78 -18.34 13.72
C PHE A 163 4.05 -16.84 13.77
N GLU A 164 4.28 -16.23 12.61
CA GLU A 164 4.49 -14.79 12.58
C GLU A 164 3.20 -14.05 12.89
N ALA A 165 2.07 -14.59 12.44
CA ALA A 165 0.78 -13.99 12.77
C ALA A 165 0.45 -14.17 14.24
N SER A 166 0.76 -15.33 14.80
CA SER A 166 0.55 -15.55 16.23
C SER A 166 1.48 -14.67 17.08
N LYS A 167 2.68 -14.40 16.57
CA LYS A 167 3.60 -13.52 17.28
C LYS A 167 3.10 -12.08 17.23
N GLU A 168 2.60 -11.65 16.08
CA GLU A 168 2.04 -10.31 15.97
C GLU A 168 0.75 -10.18 16.78
N TRP A 169 0.01 -11.28 16.95
CA TRP A 169 -1.18 -11.26 17.79
C TRP A 169 -0.79 -11.09 19.25
N SER A 170 0.17 -11.88 19.73
CA SER A 170 0.59 -11.79 21.13
C SER A 170 1.19 -10.43 21.47
N GLU A 171 1.81 -9.77 20.49
CA GLU A 171 2.36 -8.44 20.69
C GLU A 171 1.31 -7.35 20.61
N THR A 172 0.07 -7.67 20.24
CA THR A 172 -1.00 -6.69 20.11
C THR A 172 -2.12 -6.89 21.12
N TYR A 173 -2.37 -8.11 21.57
CA TYR A 173 -3.41 -8.40 22.55
C TYR A 173 -2.81 -9.18 23.70
N GLY A 174 -2.92 -8.64 24.91
CA GLY A 174 -2.60 -9.40 26.10
C GLY A 174 -3.74 -10.34 26.43
N GLY A 175 -3.42 -11.61 26.63
CA GLY A 175 -4.43 -12.61 26.93
C GLY A 175 -4.27 -13.88 26.14
N SER A 176 -5.38 -14.42 25.63
CA SER A 176 -5.33 -15.65 24.87
C SER A 176 -4.47 -15.50 23.61
N SER A 177 -3.73 -16.56 23.28
CA SER A 177 -2.96 -16.56 22.06
C SER A 177 -3.90 -16.64 20.86
N LEU A 178 -3.32 -16.56 19.65
CA LEU A 178 -4.16 -16.60 18.46
C LEU A 178 -4.82 -17.97 18.31
N LEU A 179 -4.04 -19.04 18.49
CA LEU A 179 -4.62 -20.39 18.38
C LEU A 179 -5.71 -20.61 19.42
N GLU A 180 -5.53 -20.05 20.63
CA GLU A 180 -6.54 -20.18 21.67
C GLU A 180 -7.84 -19.51 21.26
N THR A 181 -7.75 -18.25 20.80
CA THR A 181 -8.93 -17.53 20.34
C THR A 181 -9.61 -18.27 19.19
N LEU A 182 -8.82 -18.81 18.25
CA LEU A 182 -9.39 -19.59 17.17
C LEU A 182 -10.10 -20.83 17.70
N TYR A 183 -9.48 -21.52 18.65
CA TYR A 183 -10.10 -22.70 19.24
C TYR A 183 -11.43 -22.33 19.89
N LYS A 184 -11.49 -21.16 20.55
CA LYS A 184 -12.74 -20.80 21.23
C LYS A 184 -13.83 -20.43 20.25
N ALA A 185 -13.50 -19.68 19.19
CA ALA A 185 -14.52 -19.34 18.20
C ALA A 185 -15.01 -20.57 17.45
N LEU A 186 -14.07 -21.37 16.94
CA LEU A 186 -14.47 -22.60 16.27
C LEU A 186 -15.30 -23.48 17.18
N ASP A 187 -14.94 -23.54 18.46
CA ASP A 187 -15.68 -24.39 19.39
C ASP A 187 -17.08 -23.85 19.63
N GLU A 188 -17.24 -22.53 19.65
CA GLU A 188 -18.56 -21.95 19.82
C GLU A 188 -19.47 -22.24 18.63
N VAL A 189 -18.93 -22.19 17.41
CA VAL A 189 -19.79 -22.44 16.25
C VAL A 189 -20.05 -23.93 16.04
N VAL A 190 -19.03 -24.77 16.16
CA VAL A 190 -19.14 -26.21 16.00
C VAL A 190 -18.36 -26.86 17.13
N LYS A 191 -18.87 -27.97 17.63
CA LYS A 191 -18.27 -28.57 18.84
C LYS A 191 -16.97 -29.25 18.44
N LEU A 192 -15.85 -28.57 18.68
CA LEU A 192 -14.57 -29.05 18.20
C LEU A 192 -14.23 -30.46 18.65
N PRO A 193 -14.41 -30.85 19.92
CA PRO A 193 -14.18 -32.25 20.27
C PRO A 193 -15.05 -33.24 19.51
N GLU A 194 -16.20 -32.81 18.97
CA GLU A 194 -17.09 -33.66 18.20
C GLU A 194 -17.00 -33.43 16.69
N CYS A 195 -16.09 -32.57 16.24
CA CYS A 195 -16.04 -32.20 14.84
C CYS A 195 -15.34 -33.26 13.99
N GLU A 196 -15.54 -33.13 12.68
CA GLU A 196 -14.73 -33.76 11.65
C GLU A 196 -14.05 -32.65 10.89
N ILE A 197 -12.74 -32.77 10.68
CA ILE A 197 -11.93 -31.74 10.05
C ILE A 197 -11.53 -32.21 8.67
N TYR A 198 -11.54 -31.30 7.70
CA TYR A 198 -11.20 -31.65 6.32
C TYR A 198 -10.36 -30.55 5.72
N SER A 199 -9.51 -30.93 4.76
CA SER A 199 -8.71 -30.00 4.00
C SER A 199 -9.03 -30.16 2.54
N TYR A 200 -9.15 -29.03 1.83
CA TYR A 200 -9.44 -29.01 0.41
C TYR A 200 -8.18 -28.67 -0.35
N ASN A 201 -7.73 -29.60 -1.20
CA ASN A 201 -6.49 -29.49 -1.95
C ASN A 201 -6.76 -29.84 -3.41
N PRO A 202 -7.20 -28.88 -4.20
CA PRO A 202 -7.49 -29.14 -5.61
C PRO A 202 -6.22 -29.21 -6.45
N ASP A 203 -6.40 -29.65 -7.71
CA ASP A 203 -5.28 -29.83 -8.64
C ASP A 203 -4.87 -28.51 -9.29
N SER A 204 -5.72 -27.97 -10.16
CA SER A 204 -5.35 -26.84 -11.00
C SER A 204 -5.46 -25.52 -10.23
N ASP A 205 -4.81 -24.48 -10.79
CA ASP A 205 -4.99 -23.13 -10.29
C ASP A 205 -6.38 -22.59 -10.58
N SER A 206 -7.10 -23.21 -11.51
CA SER A 206 -8.44 -22.77 -11.88
C SER A 206 -9.44 -22.93 -10.75
N ASP A 207 -9.20 -23.86 -9.82
CA ASP A 207 -10.07 -23.99 -8.66
C ASP A 207 -9.99 -22.70 -7.85
N PRO A 208 -11.13 -22.09 -7.51
CA PRO A 208 -11.09 -20.81 -6.78
C PRO A 208 -10.51 -20.92 -5.38
N PHE A 209 -10.24 -22.13 -4.89
CA PHE A 209 -9.57 -22.32 -3.60
C PHE A 209 -8.06 -22.48 -3.76
N LEU A 210 -7.51 -22.04 -4.88
CA LEU A 210 -6.08 -22.08 -5.12
C LEU A 210 -5.73 -20.84 -5.94
N GLU A 211 -5.15 -19.84 -5.28
CA GLU A 211 -4.77 -18.61 -5.96
C GLU A 211 -3.40 -18.75 -6.59
N LYS A 212 -3.30 -18.41 -7.87
CA LYS A 212 -2.03 -18.51 -8.57
C LYS A 212 -1.03 -17.55 -7.94
N GLY A 213 0.19 -18.03 -7.73
CA GLY A 213 1.26 -17.22 -7.20
C GLY A 213 1.41 -17.23 -5.70
N ALA A 214 0.44 -17.79 -4.97
CA ALA A 214 0.55 -17.82 -3.51
C ALA A 214 1.70 -18.71 -3.07
N ILE A 215 2.39 -18.27 -2.02
CA ILE A 215 3.50 -19.05 -1.47
C ILE A 215 2.97 -20.33 -0.83
N TRP A 216 1.90 -20.21 -0.04
CA TRP A 216 1.20 -21.37 0.49
C TRP A 216 -0.25 -20.99 0.74
N SER A 217 -1.12 -22.00 0.68
CA SER A 217 -2.56 -21.79 0.84
C SER A 217 -3.16 -22.99 1.58
N PHE A 218 -4.06 -22.73 2.53
CA PHE A 218 -4.74 -23.80 3.24
C PHE A 218 -6.22 -23.50 3.30
N ASN A 219 -7.02 -24.55 3.12
CA ASN A 219 -8.48 -24.47 3.18
C ASN A 219 -8.96 -25.59 4.09
N PHE A 220 -9.41 -25.23 5.28
CA PHE A 220 -9.88 -26.21 6.24
C PHE A 220 -11.38 -26.03 6.45
N PHE A 221 -12.05 -27.15 6.76
CA PHE A 221 -13.48 -27.19 7.00
C PHE A 221 -13.73 -28.00 8.26
N PHE A 222 -14.50 -27.43 9.17
CA PHE A 222 -14.87 -28.08 10.42
C PHE A 222 -16.36 -28.37 10.34
N TYR A 223 -16.71 -29.64 10.45
CA TYR A 223 -18.05 -30.11 10.18
C TYR A 223 -18.59 -30.79 11.42
N ASN A 224 -19.85 -30.53 11.74
CA ASN A 224 -20.51 -31.13 12.88
C ASN A 224 -21.79 -31.76 12.36
N ARG A 225 -21.86 -33.08 12.53
CA ARG A 225 -22.95 -33.90 12.01
C ARG A 225 -24.23 -33.68 12.79
N LYS A 226 -24.15 -33.66 14.13
CA LYS A 226 -25.35 -33.52 14.93
C LYS A 226 -25.94 -32.12 14.79
N LEU A 227 -25.10 -31.12 14.57
CA LEU A 227 -25.55 -29.75 14.35
C LEU A 227 -25.77 -29.41 12.88
N LYS A 228 -25.33 -30.28 11.96
CA LYS A 228 -25.41 -29.99 10.53
C LYS A 228 -24.80 -28.63 10.21
N ARG A 229 -23.59 -28.38 10.74
CA ARG A 229 -22.96 -27.07 10.59
C ARG A 229 -21.52 -27.21 10.11
N VAL A 230 -21.08 -26.26 9.28
CA VAL A 230 -19.73 -26.26 8.71
C VAL A 230 -19.12 -24.88 8.85
N VAL A 231 -17.87 -24.82 9.31
CA VAL A 231 -17.10 -23.58 9.40
C VAL A 231 -15.88 -23.72 8.49
N SER A 232 -15.70 -22.73 7.62
CA SER A 232 -14.59 -22.68 6.67
C SER A 232 -13.51 -21.73 7.17
N PHE A 233 -12.28 -22.22 7.24
CA PHE A 233 -11.11 -21.41 7.59
C PHE A 233 -10.14 -21.44 6.41
N ARG A 234 -9.88 -20.28 5.82
CA ARG A 234 -8.98 -20.15 4.69
C ARG A 234 -7.82 -19.27 5.12
N PHE A 235 -6.58 -19.68 4.82
CA PHE A 235 -5.48 -18.77 5.06
C PHE A 235 -4.33 -19.06 4.12
N SER A 236 -3.79 -18.00 3.52
CA SER A 236 -2.76 -18.10 2.51
C SER A 236 -1.76 -16.97 2.73
N CYS A 237 -0.60 -17.08 2.08
CA CYS A 237 0.40 -16.02 2.14
C CYS A 237 0.77 -15.60 0.73
N LEU A 238 0.91 -14.30 0.52
CA LEU A 238 1.16 -13.69 -0.78
C LEU A 238 2.37 -12.78 -0.73
N SER A 239 3.14 -12.78 -1.81
CA SER A 239 4.19 -11.79 -2.01
C SER A 239 3.63 -10.57 -2.72
N ASN A 240 4.35 -9.46 -2.59
CA ASN A 240 3.90 -8.19 -3.12
C ASN A 240 4.47 -7.96 -4.52
N PRO B 49 34.26 -15.64 8.98
CA PRO B 49 33.17 -14.70 9.25
C PRO B 49 31.88 -15.13 8.57
N LEU B 50 31.80 -14.90 7.25
CA LEU B 50 30.67 -15.44 6.50
C LEU B 50 30.66 -16.96 6.60
N ASP B 51 31.84 -17.56 6.71
CA ASP B 51 31.93 -19.00 6.88
C ASP B 51 31.32 -19.43 8.20
N ARG B 52 31.57 -18.63 9.25
CA ARG B 52 30.99 -18.88 10.56
C ARG B 52 29.47 -18.78 10.53
N ILE B 53 28.93 -17.72 9.89
CA ILE B 53 27.47 -17.58 9.82
C ILE B 53 26.86 -18.73 9.02
N ASN B 54 27.43 -19.03 7.87
CA ASN B 54 26.90 -20.11 7.03
C ASN B 54 26.99 -21.45 7.75
N ASP B 55 28.02 -21.66 8.57
CA ASP B 55 28.07 -22.86 9.40
C ASP B 55 26.94 -22.86 10.43
N PHE B 56 26.64 -21.68 11.01
CA PHE B 56 25.57 -21.60 12.00
C PHE B 56 24.20 -21.85 11.38
N LEU B 57 23.93 -21.28 10.21
CA LEU B 57 22.62 -21.36 9.58
C LEU B 57 22.50 -22.49 8.57
N ASP B 58 23.41 -23.45 8.61
CA ASP B 58 23.30 -24.64 7.76
C ASP B 58 22.34 -25.62 8.41
N HIS B 59 21.09 -25.61 7.97
CA HIS B 59 20.04 -26.47 8.49
C HIS B 59 19.93 -26.39 10.02
N LEU B 60 19.47 -25.23 10.49
CA LEU B 60 19.14 -25.03 11.90
C LEU B 60 17.71 -25.46 12.16
N ASN B 61 17.52 -26.46 13.02
CA ASN B 61 16.22 -27.09 13.23
C ASN B 61 15.63 -26.64 14.56
N LEU B 62 14.36 -26.22 14.54
CA LEU B 62 13.67 -25.77 15.74
C LEU B 62 12.53 -26.71 16.14
N GLY B 63 12.67 -28.00 15.84
CA GLY B 63 11.69 -28.99 16.23
C GLY B 63 10.63 -29.28 15.18
N GLU B 64 9.88 -28.23 14.82
CA GLU B 64 8.81 -28.31 13.84
C GLU B 64 9.11 -27.49 12.58
N ARG B 65 9.85 -26.40 12.72
CA ARG B 65 10.30 -25.60 11.60
C ARG B 65 11.81 -25.70 11.51
N THR B 66 12.35 -25.36 10.33
CA THR B 66 13.79 -25.31 10.13
C THR B 66 14.15 -24.00 9.44
N ILE B 67 15.23 -23.38 9.88
CA ILE B 67 15.71 -22.12 9.33
C ILE B 67 16.95 -22.43 8.49
N LYS B 68 16.96 -21.94 7.26
CA LYS B 68 18.07 -22.12 6.34
C LYS B 68 18.65 -20.75 5.98
N GLY B 69 19.97 -20.64 6.04
CA GLY B 69 20.63 -19.39 5.69
C GLY B 69 21.88 -19.57 4.85
N CYS B 70 22.09 -18.65 3.91
CA CYS B 70 23.22 -18.73 2.99
C CYS B 70 23.70 -17.34 2.62
N LEU B 71 24.96 -17.06 2.95
CA LEU B 71 25.63 -15.83 2.56
C LEU B 71 26.63 -16.16 1.47
N GLU B 72 26.59 -15.41 0.37
CA GLU B 72 27.48 -15.69 -0.77
C GLU B 72 27.97 -14.36 -1.32
N ALA B 73 29.28 -14.27 -1.56
CA ALA B 73 29.89 -13.04 -2.07
C ALA B 73 30.26 -13.21 -3.53
N TYR B 74 30.01 -12.18 -4.32
CA TYR B 74 30.24 -12.21 -5.76
C TYR B 74 30.89 -10.91 -6.18
N SER B 75 32.03 -11.00 -6.85
CA SER B 75 32.72 -9.85 -7.39
C SER B 75 32.40 -9.77 -8.88
N CYS B 76 31.84 -8.64 -9.30
CA CYS B 76 31.36 -8.51 -10.67
C CYS B 76 32.53 -8.41 -11.64
N LYS B 77 32.45 -9.22 -12.70
CA LYS B 77 33.44 -9.24 -13.77
C LYS B 77 32.84 -8.55 -14.97
N HIS B 78 33.66 -7.84 -15.72
CA HIS B 78 33.17 -7.24 -16.96
C HIS B 78 33.93 -7.77 -18.17
N THR B 79 34.28 -9.05 -18.12
CA THR B 79 34.88 -9.76 -19.24
C THR B 79 34.22 -11.13 -19.36
N GLY B 80 34.09 -11.59 -20.60
CA GLY B 80 33.55 -12.91 -20.87
C GLY B 80 32.04 -12.95 -20.91
N THR B 81 31.44 -14.01 -20.36
CA THR B 81 29.99 -14.18 -20.43
C THR B 81 29.26 -13.04 -19.72
N ASP B 82 29.78 -12.60 -18.58
CA ASP B 82 29.06 -11.61 -17.77
C ASP B 82 28.92 -10.29 -18.50
N LYS B 83 29.92 -9.92 -19.32
CA LYS B 83 29.82 -8.72 -20.14
C LYS B 83 28.68 -8.81 -21.13
N ARG B 84 28.60 -9.93 -21.85
CA ARG B 84 27.55 -10.15 -22.84
C ARG B 84 26.17 -10.18 -22.20
N LEU B 85 26.03 -10.89 -21.08
CA LEU B 85 24.77 -10.91 -20.35
C LEU B 85 24.37 -9.51 -19.90
N SER B 86 25.34 -8.76 -19.36
CA SER B 86 25.07 -7.40 -18.89
C SER B 86 24.58 -6.51 -20.01
N ILE B 87 25.20 -6.63 -21.19
CA ILE B 87 24.78 -5.86 -22.34
C ILE B 87 23.36 -6.25 -22.75
N SER B 88 23.07 -7.56 -22.78
CA SER B 88 21.74 -7.99 -23.19
C SER B 88 20.66 -7.48 -22.24
N LEU B 89 20.91 -7.54 -20.93
CA LEU B 89 19.95 -7.04 -19.96
C LEU B 89 19.78 -5.53 -20.10
N GLU B 90 20.90 -4.81 -20.24
CA GLU B 90 20.87 -3.36 -20.37
C GLU B 90 20.10 -2.93 -21.61
N HIS B 91 20.21 -3.71 -22.69
CA HIS B 91 19.42 -3.45 -23.88
C HIS B 91 17.95 -3.78 -23.64
N GLU B 92 17.68 -4.83 -22.87
CA GLU B 92 16.30 -5.23 -22.59
C GLU B 92 15.54 -4.19 -21.78
N ILE B 93 16.19 -3.57 -20.79
CA ILE B 93 15.45 -2.68 -19.88
C ILE B 93 14.82 -1.53 -20.64
N LEU B 94 15.55 -0.96 -21.59
CA LEU B 94 15.01 0.12 -22.40
C LEU B 94 14.09 -0.39 -23.50
N LEU B 112 9.06 -3.68 -6.72
CA LEU B 112 9.04 -2.75 -7.84
C LEU B 112 10.19 -1.74 -7.71
N LEU B 113 10.99 -1.61 -8.77
CA LEU B 113 12.18 -0.75 -8.74
C LEU B 113 11.88 0.63 -9.31
N SER B 114 12.48 1.64 -8.70
CA SER B 114 12.48 2.98 -9.26
C SER B 114 13.61 3.10 -10.27
N ARG B 115 13.48 4.07 -11.18
CA ARG B 115 14.45 4.19 -12.27
C ARG B 115 15.89 4.35 -11.76
N SER B 116 16.06 4.98 -10.59
CA SER B 116 17.39 5.11 -10.01
C SER B 116 18.05 3.77 -9.75
N SER B 117 17.27 2.70 -9.56
CA SER B 117 17.81 1.38 -9.33
C SER B 117 18.24 0.66 -10.60
N ARG B 118 17.97 1.27 -11.77
CA ARG B 118 18.25 0.66 -13.07
C ARG B 118 19.60 -0.05 -13.11
N LYS B 119 20.67 0.71 -12.89
CA LYS B 119 22.02 0.14 -12.96
C LYS B 119 22.12 -1.11 -12.10
N ALA B 120 21.71 -1.00 -10.83
CA ALA B 120 21.83 -2.13 -9.91
C ALA B 120 21.07 -3.33 -10.43
N LEU B 121 19.89 -3.09 -11.02
CA LEU B 121 19.10 -4.18 -11.57
C LEU B 121 19.96 -5.10 -12.40
N ILE B 122 20.76 -4.52 -13.31
CA ILE B 122 21.64 -5.32 -14.15
C ILE B 122 22.42 -6.30 -13.30
N TYR B 123 23.25 -5.78 -12.40
CA TYR B 123 24.08 -6.64 -11.57
C TYR B 123 23.24 -7.61 -10.77
N LEU B 124 22.09 -7.14 -10.27
CA LEU B 124 21.21 -8.02 -9.51
C LEU B 124 20.87 -9.25 -10.34
N VAL B 125 20.41 -9.06 -11.57
CA VAL B 125 20.05 -10.22 -12.38
C VAL B 125 21.27 -11.09 -12.61
N LEU B 126 22.44 -10.49 -12.84
CA LEU B 126 23.65 -11.29 -12.98
C LEU B 126 23.87 -12.17 -11.76
N THR B 127 23.69 -11.60 -10.57
CA THR B 127 23.83 -12.42 -9.36
C THR B 127 22.85 -13.58 -9.39
N LEU B 128 21.60 -13.31 -9.79
CA LEU B 128 20.65 -14.41 -9.95
C LEU B 128 21.19 -15.43 -10.94
N TYR B 129 21.72 -14.95 -12.08
CA TYR B 129 22.27 -15.87 -13.06
C TYR B 129 23.41 -16.69 -12.48
N HIS B 130 24.18 -16.11 -11.55
CA HIS B 130 25.25 -16.88 -10.94
C HIS B 130 24.73 -17.90 -9.95
N MET B 131 23.58 -17.62 -9.32
CA MET B 131 23.00 -18.57 -8.37
C MET B 131 22.17 -19.62 -9.06
N TYR B 132 21.45 -19.24 -10.11
CA TYR B 132 20.58 -20.16 -10.84
C TYR B 132 20.87 -19.95 -12.33
N PRO B 133 21.97 -20.55 -12.81
CA PRO B 133 22.36 -20.28 -14.21
C PRO B 133 21.50 -20.97 -15.24
N ASP B 134 20.61 -21.86 -14.84
CA ASP B 134 19.72 -22.56 -15.76
C ASP B 134 18.33 -21.96 -15.81
N TYR B 135 18.08 -20.88 -15.08
CA TYR B 135 16.75 -20.28 -14.97
C TYR B 135 16.67 -19.07 -15.89
N ASP B 136 15.53 -18.91 -16.56
CA ASP B 136 15.31 -17.83 -17.52
C ASP B 136 14.90 -16.56 -16.77
N PHE B 137 15.90 -15.79 -16.34
CA PHE B 137 15.62 -14.51 -15.71
C PHE B 137 15.33 -13.45 -16.76
N SER B 138 14.53 -12.47 -16.38
CA SER B 138 14.12 -11.41 -17.28
C SER B 138 14.26 -10.07 -16.58
N ALA B 139 14.76 -9.08 -17.32
CA ALA B 139 14.95 -7.76 -16.75
C ALA B 139 13.63 -7.13 -16.32
N VAL B 140 12.54 -7.44 -17.03
CA VAL B 140 11.25 -6.83 -16.70
C VAL B 140 10.67 -7.43 -15.42
N LYS B 141 10.69 -8.76 -15.31
CA LYS B 141 10.15 -9.38 -14.11
C LYS B 141 11.06 -9.15 -12.91
N ALA B 142 12.36 -8.93 -13.13
CA ALA B 142 13.23 -8.50 -12.04
C ALA B 142 12.92 -7.05 -11.66
N HIS B 143 12.63 -6.22 -12.66
CA HIS B 143 12.13 -4.86 -12.39
C HIS B 143 10.87 -4.90 -11.54
N GLN B 144 10.04 -5.93 -11.69
CA GLN B 144 8.85 -6.03 -10.86
C GLN B 144 9.16 -6.58 -9.47
N PHE B 145 9.94 -7.66 -9.39
CA PHE B 145 10.09 -8.40 -8.14
C PHE B 145 11.12 -7.81 -7.18
N PHE B 146 12.04 -6.99 -7.67
CA PHE B 146 13.02 -6.36 -6.82
C PHE B 146 12.45 -5.09 -6.21
N THR B 147 12.75 -4.87 -4.93
CA THR B 147 12.34 -3.66 -4.22
C THR B 147 13.55 -3.09 -3.50
N GLU B 148 13.79 -1.79 -3.67
CA GLU B 148 14.91 -1.18 -2.97
C GLU B 148 14.54 -0.99 -1.51
N GLU B 149 15.44 -1.40 -0.63
CA GLU B 149 15.18 -1.34 0.80
C GLU B 149 16.32 -0.61 1.49
N SER B 150 16.12 -0.36 2.78
CA SER B 150 17.10 0.26 3.64
C SER B 150 17.64 -0.78 4.61
N TRP B 151 18.76 -0.44 5.26
CA TRP B 151 19.26 -1.34 6.29
C TRP B 151 18.23 -1.52 7.39
N ASN B 152 17.44 -0.46 7.67
CA ASN B 152 16.43 -0.55 8.73
C ASN B 152 15.32 -1.52 8.36
N THR B 153 14.81 -1.43 7.12
CA THR B 153 13.78 -2.36 6.68
C THR B 153 14.26 -3.80 6.73
N PHE B 154 15.51 -4.03 6.32
CA PHE B 154 16.11 -5.36 6.43
C PHE B 154 16.18 -5.80 7.88
N LYS B 155 16.54 -4.88 8.78
CA LYS B 155 16.56 -5.18 10.20
C LYS B 155 15.17 -5.57 10.70
N GLN B 156 14.15 -4.82 10.28
CA GLN B 156 12.78 -5.11 10.71
C GLN B 156 12.34 -6.49 10.24
N ILE B 157 12.62 -6.80 8.99
CA ILE B 157 12.32 -8.13 8.46
C ILE B 157 13.08 -9.19 9.24
N PHE B 158 14.32 -8.88 9.60
CA PHE B 158 15.17 -9.86 10.28
C PHE B 158 14.64 -10.14 11.69
N GLU B 159 14.23 -9.11 12.42
CA GLU B 159 13.68 -9.31 13.74
C GLU B 159 12.28 -9.91 13.67
N THR B 160 11.57 -9.70 12.57
CA THR B 160 10.24 -10.28 12.43
C THR B 160 10.32 -11.77 12.13
N TYR B 161 11.18 -12.15 11.20
CA TYR B 161 11.24 -13.52 10.73
C TYR B 161 12.37 -14.32 11.35
N MET B 162 13.55 -13.72 11.54
CA MET B 162 14.74 -14.46 11.96
C MET B 162 15.12 -14.20 13.42
N PHE B 163 14.16 -13.88 14.27
CA PHE B 163 14.53 -13.58 15.66
C PHE B 163 14.91 -14.84 16.42
N GLU B 164 14.28 -15.99 16.11
CA GLU B 164 14.58 -17.21 16.83
C GLU B 164 15.98 -17.74 16.50
N ALA B 165 16.44 -17.55 15.26
CA ALA B 165 17.80 -17.99 14.92
C ALA B 165 18.85 -17.14 15.63
N SER B 166 18.61 -15.84 15.72
CA SER B 166 19.48 -14.98 16.51
C SER B 166 19.37 -15.28 17.99
N LYS B 167 18.23 -15.82 18.45
CA LYS B 167 18.08 -16.22 19.84
C LYS B 167 18.92 -17.44 20.15
N GLU B 168 18.92 -18.44 19.26
CA GLU B 168 19.78 -19.60 19.47
C GLU B 168 21.25 -19.22 19.30
N TRP B 169 21.52 -18.21 18.47
CA TRP B 169 22.89 -17.71 18.33
C TRP B 169 23.37 -17.04 19.61
N SER B 170 22.52 -16.18 20.21
CA SER B 170 22.92 -15.46 21.40
C SER B 170 23.27 -16.41 22.54
N GLU B 171 22.65 -17.57 22.57
CA GLU B 171 22.98 -18.59 23.57
C GLU B 171 24.25 -19.33 23.16
N SER B 177 25.13 -10.23 19.73
CA SER B 177 24.28 -11.28 19.16
C SER B 177 24.69 -11.58 17.73
N LEU B 178 23.70 -11.56 16.82
CA LEU B 178 23.91 -12.07 15.47
C LEU B 178 23.75 -11.01 14.41
N LEU B 179 22.73 -10.16 14.48
CA LEU B 179 22.50 -9.19 13.42
C LEU B 179 23.69 -8.25 13.25
N GLU B 180 24.33 -7.84 14.34
CA GLU B 180 25.51 -6.99 14.21
C GLU B 180 26.65 -7.75 13.56
N THR B 181 26.92 -8.98 14.01
CA THR B 181 27.99 -9.78 13.41
C THR B 181 27.78 -9.91 11.91
N LEU B 182 26.52 -10.05 11.50
CA LEU B 182 26.19 -10.00 10.08
C LEU B 182 26.59 -8.66 9.47
N TYR B 183 26.31 -7.57 10.18
CA TYR B 183 26.68 -6.24 9.69
C TYR B 183 28.20 -6.12 9.55
N LYS B 184 28.95 -6.71 10.47
CA LYS B 184 30.40 -6.61 10.48
C LYS B 184 31.04 -7.44 9.37
N ALA B 185 30.55 -8.66 9.16
CA ALA B 185 31.06 -9.45 8.04
C ALA B 185 30.71 -8.80 6.71
N LEU B 186 29.45 -8.40 6.56
CA LEU B 186 29.02 -7.68 5.37
C LEU B 186 29.86 -6.43 5.16
N ASP B 187 30.20 -5.73 6.24
CA ASP B 187 30.97 -4.49 6.13
C ASP B 187 32.40 -4.78 5.71
N GLU B 188 32.99 -5.87 6.20
CA GLU B 188 34.34 -6.22 5.77
C GLU B 188 34.36 -6.62 4.30
N VAL B 189 33.32 -7.31 3.83
CA VAL B 189 33.30 -7.71 2.42
C VAL B 189 32.93 -6.52 1.53
N VAL B 190 31.92 -5.74 1.93
CA VAL B 190 31.47 -4.59 1.17
C VAL B 190 31.21 -3.44 2.12
N LYS B 191 31.49 -2.22 1.68
CA LYS B 191 31.34 -1.06 2.56
C LYS B 191 29.86 -0.79 2.72
N LEU B 192 29.28 -1.27 3.82
CA LEU B 192 27.84 -1.23 4.01
C LEU B 192 27.24 0.18 3.96
N PRO B 193 27.81 1.21 4.59
CA PRO B 193 27.23 2.55 4.45
C PRO B 193 27.13 3.06 3.02
N GLU B 194 27.90 2.50 2.09
CA GLU B 194 27.85 2.93 0.70
C GLU B 194 27.06 1.99 -0.19
N CYS B 195 26.45 0.95 0.37
CA CYS B 195 25.76 -0.04 -0.42
C CYS B 195 24.37 0.44 -0.81
N GLU B 196 23.80 -0.24 -1.80
CA GLU B 196 22.38 -0.21 -2.11
C GLU B 196 21.84 -1.60 -1.77
N ILE B 197 20.75 -1.64 -1.02
CA ILE B 197 20.20 -2.89 -0.51
C ILE B 197 18.89 -3.16 -1.24
N TYR B 198 18.66 -4.42 -1.59
CA TYR B 198 17.48 -4.81 -2.35
C TYR B 198 16.89 -6.10 -1.82
N SER B 199 15.61 -6.27 -2.09
CA SER B 199 14.88 -7.49 -1.77
C SER B 199 14.31 -8.08 -3.05
N TYR B 200 14.41 -9.39 -3.19
CA TYR B 200 13.86 -10.12 -4.32
C TYR B 200 12.61 -10.83 -3.83
N ASN B 201 11.45 -10.49 -4.39
CA ASN B 201 10.18 -11.01 -3.91
C ASN B 201 9.32 -11.52 -5.08
N PRO B 202 9.66 -12.67 -5.63
CA PRO B 202 8.85 -13.23 -6.72
C PRO B 202 7.65 -14.00 -6.19
N ASP B 203 6.72 -14.27 -7.09
CA ASP B 203 5.57 -15.08 -6.73
C ASP B 203 5.94 -16.56 -6.86
N SER B 204 5.03 -17.45 -6.48
CA SER B 204 5.38 -18.86 -6.44
C SER B 204 5.71 -19.39 -7.83
N ASP B 205 5.06 -18.86 -8.86
CA ASP B 205 5.30 -19.33 -10.22
C ASP B 205 6.59 -18.79 -10.83
N SER B 206 7.19 -17.76 -10.24
CA SER B 206 8.40 -17.15 -10.80
C SER B 206 9.62 -17.32 -9.90
N ASP B 207 9.49 -18.06 -8.81
CA ASP B 207 10.58 -18.18 -7.85
C ASP B 207 11.55 -19.23 -8.30
N PRO B 208 12.86 -18.89 -8.47
CA PRO B 208 13.85 -19.88 -8.84
C PRO B 208 14.40 -20.70 -7.69
N PHE B 209 13.90 -20.48 -6.47
CA PHE B 209 14.30 -21.31 -5.33
C PHE B 209 13.29 -21.17 -4.19
N LEU B 210 12.17 -21.87 -4.29
CA LEU B 210 11.16 -21.94 -3.24
C LEU B 210 10.95 -23.42 -2.95
N GLU B 211 11.50 -23.89 -1.82
CA GLU B 211 11.50 -25.31 -1.53
C GLU B 211 10.11 -25.81 -1.15
N LYS B 212 10.00 -27.12 -0.99
CA LYS B 212 8.73 -27.72 -0.60
C LYS B 212 8.51 -27.46 0.89
N GLY B 213 7.28 -27.13 1.25
CA GLY B 213 6.98 -26.76 2.62
C GLY B 213 7.67 -25.48 3.05
N ALA B 214 7.91 -24.56 2.12
CA ALA B 214 8.57 -23.30 2.45
C ALA B 214 7.56 -22.36 3.10
N ILE B 215 7.71 -22.16 4.41
CA ILE B 215 6.85 -21.23 5.12
C ILE B 215 7.16 -19.81 4.65
N TRP B 216 8.44 -19.45 4.59
CA TRP B 216 8.76 -18.16 3.99
C TRP B 216 10.19 -18.18 3.48
N SER B 217 10.47 -17.35 2.47
CA SER B 217 11.82 -17.27 1.94
C SER B 217 12.10 -15.82 1.57
N PHE B 218 13.30 -15.37 1.91
CA PHE B 218 13.74 -14.02 1.60
C PHE B 218 15.13 -14.05 0.98
N ASN B 219 15.31 -13.14 0.01
CA ASN B 219 16.58 -12.94 -0.66
C ASN B 219 16.90 -11.45 -0.68
N PHE B 220 17.94 -11.07 0.04
CA PHE B 220 18.43 -9.71 0.11
C PHE B 220 19.77 -9.60 -0.60
N PHE B 221 20.03 -8.42 -1.16
CA PHE B 221 21.26 -8.13 -1.90
C PHE B 221 21.87 -6.83 -1.40
N PHE B 222 23.16 -6.88 -1.10
CA PHE B 222 23.93 -5.71 -0.68
C PHE B 222 24.94 -5.42 -1.78
N TYR B 223 24.81 -4.26 -2.41
CA TYR B 223 25.51 -3.97 -3.66
C TYR B 223 26.34 -2.70 -3.54
N ASN B 224 27.56 -2.73 -4.10
CA ASN B 224 28.40 -1.54 -4.17
C ASN B 224 28.97 -1.44 -5.57
N ARG B 225 28.66 -0.34 -6.27
CA ARG B 225 29.16 -0.16 -7.63
C ARG B 225 30.64 0.21 -7.62
N LYS B 226 31.04 1.10 -6.72
CA LYS B 226 32.43 1.56 -6.72
C LYS B 226 33.39 0.43 -6.35
N LEU B 227 32.94 -0.52 -5.52
CA LEU B 227 33.70 -1.72 -5.19
C LEU B 227 33.43 -2.87 -6.15
N LYS B 228 32.45 -2.69 -7.05
CA LYS B 228 32.02 -3.71 -8.04
C LYS B 228 31.71 -5.06 -7.38
N ARG B 229 31.03 -5.03 -6.23
CA ARG B 229 30.78 -6.25 -5.47
C ARG B 229 29.32 -6.34 -5.02
N VAL B 230 28.81 -7.57 -4.97
CA VAL B 230 27.44 -7.87 -4.55
C VAL B 230 27.46 -9.03 -3.58
N VAL B 231 26.73 -8.90 -2.46
CA VAL B 231 26.58 -9.98 -1.49
C VAL B 231 25.12 -10.42 -1.44
N SER B 232 24.92 -11.72 -1.57
CA SER B 232 23.60 -12.34 -1.53
C SER B 232 23.38 -12.96 -0.16
N PHE B 233 22.27 -12.60 0.49
CA PHE B 233 21.85 -13.21 1.74
C PHE B 233 20.49 -13.84 1.52
N ARG B 234 20.41 -15.16 1.66
CA ARG B 234 19.14 -15.86 1.57
C ARG B 234 18.83 -16.51 2.90
N PHE B 235 17.57 -16.41 3.31
CA PHE B 235 17.15 -17.06 4.53
C PHE B 235 15.68 -17.44 4.40
N SER B 236 15.37 -18.68 4.79
CA SER B 236 14.03 -19.21 4.65
C SER B 236 13.67 -20.08 5.86
N CYS B 237 12.39 -20.33 5.99
CA CYS B 237 11.87 -21.24 7.00
C CYS B 237 10.96 -22.24 6.32
N LEU B 238 11.11 -23.51 6.75
CA LEU B 238 10.45 -24.67 6.17
C LEU B 238 9.71 -25.43 7.25
N SER B 239 8.54 -25.98 6.91
CA SER B 239 7.89 -26.87 7.85
C SER B 239 8.41 -28.29 7.67
N ASN B 240 8.32 -29.07 8.74
CA ASN B 240 8.89 -30.41 8.75
C ASN B 240 7.88 -31.47 8.34
N LEU B 241 6.59 -31.20 8.47
CA LEU B 241 5.59 -32.12 7.93
C LEU B 241 5.67 -32.19 6.41
N VAL B 242 6.16 -31.12 5.78
CA VAL B 242 6.37 -31.10 4.33
C VAL B 242 7.86 -30.95 4.00
N PRO C 49 9.15 25.51 -27.40
CA PRO C 49 8.42 24.63 -26.49
C PRO C 49 8.39 25.11 -25.04
N LEU C 50 9.53 25.05 -24.34
CA LEU C 50 9.56 25.53 -22.96
C LEU C 50 9.21 27.01 -22.88
N ASP C 51 9.61 27.79 -23.88
CA ASP C 51 9.21 29.19 -23.93
C ASP C 51 7.71 29.32 -24.18
N ARG C 52 7.16 28.44 -25.02
CA ARG C 52 5.73 28.43 -25.26
C ARG C 52 4.95 28.18 -23.97
N ILE C 53 5.35 27.16 -23.22
CA ILE C 53 4.66 26.82 -21.98
C ILE C 53 4.84 27.91 -20.94
N ASN C 54 6.09 28.35 -20.73
CA ASN C 54 6.37 29.35 -19.70
C ASN C 54 5.68 30.67 -19.98
N ASP C 55 5.60 31.05 -21.26
CA ASP C 55 4.80 32.23 -21.62
C ASP C 55 3.32 31.95 -21.40
N PHE C 56 2.89 30.72 -21.67
CA PHE C 56 1.49 30.36 -21.49
C PHE C 56 1.08 30.40 -20.02
N LEU C 57 1.92 29.86 -19.13
CA LEU C 57 1.61 29.77 -17.71
C LEU C 57 2.20 30.90 -16.88
N ASP C 58 2.65 31.98 -17.50
CA ASP C 58 3.14 33.14 -16.74
C ASP C 58 1.91 33.93 -16.30
N HIS C 59 1.47 33.69 -15.06
CA HIS C 59 0.25 34.27 -14.53
C HIS C 59 -0.93 34.08 -15.49
N LEU C 60 -1.33 32.82 -15.60
CA LEU C 60 -2.51 32.44 -16.35
C LEU C 60 -3.71 32.64 -15.45
N ASN C 61 -4.66 33.46 -15.87
CA ASN C 61 -5.76 33.88 -15.01
C ASN C 61 -6.99 33.06 -15.34
N LEU C 62 -7.59 32.50 -14.30
CA LEU C 62 -8.78 31.67 -14.43
C LEU C 62 -10.00 32.35 -13.83
N GLY C 63 -10.04 33.67 -13.82
CA GLY C 63 -11.23 34.30 -13.32
C GLY C 63 -11.18 34.62 -11.85
N GLU C 64 -10.94 33.61 -11.01
CA GLU C 64 -10.92 33.81 -9.55
C GLU C 64 -9.52 33.67 -8.98
N ARG C 65 -8.82 32.59 -9.31
CA ARG C 65 -7.45 32.34 -8.88
C ARG C 65 -6.56 32.26 -10.11
N THR C 66 -5.24 32.27 -9.89
CA THR C 66 -4.29 32.26 -11.00
C THR C 66 -3.32 31.10 -10.84
N ILE C 67 -2.98 30.47 -11.97
CA ILE C 67 -2.09 29.33 -12.03
C ILE C 67 -0.74 29.79 -12.56
N LYS C 68 0.33 29.44 -11.85
CA LYS C 68 1.68 29.78 -12.31
C LYS C 68 2.47 28.51 -12.58
N GLY C 69 3.13 28.47 -13.73
CA GLY C 69 3.98 27.36 -14.11
C GLY C 69 5.29 27.85 -14.69
N CYS C 70 6.38 27.15 -14.39
CA CYS C 70 7.71 27.58 -14.80
C CYS C 70 8.57 26.36 -15.07
N LEU C 71 9.04 26.24 -16.30
CA LEU C 71 10.00 25.22 -16.71
C LEU C 71 11.36 25.87 -16.84
N GLU C 72 12.37 25.22 -16.29
CA GLU C 72 13.72 25.74 -16.32
C GLU C 72 14.67 24.61 -16.66
N ALA C 73 15.59 24.89 -17.57
CA ALA C 73 16.57 23.92 -18.01
C ALA C 73 17.89 24.25 -17.35
N TYR C 74 18.56 23.23 -16.84
CA TYR C 74 19.79 23.43 -16.09
C TYR C 74 20.79 22.36 -16.49
N SER C 75 21.96 22.80 -16.96
CA SER C 75 23.07 21.91 -17.28
C SER C 75 24.08 21.97 -16.15
N CYS C 76 24.35 20.82 -15.54
CA CYS C 76 25.22 20.79 -14.36
C CYS C 76 26.66 21.07 -14.77
N LYS C 77 27.32 21.95 -14.03
CA LYS C 77 28.71 22.31 -14.26
C LYS C 77 29.59 21.59 -13.24
N HIS C 78 30.78 21.20 -13.67
CA HIS C 78 31.76 20.64 -12.74
C HIS C 78 33.01 21.51 -12.67
N THR C 79 32.81 22.82 -12.78
CA THR C 79 33.88 23.78 -12.60
C THR C 79 33.33 24.95 -11.81
N GLY C 80 34.19 25.53 -10.97
CA GLY C 80 33.82 26.72 -10.22
C GLY C 80 33.06 26.43 -8.94
N THR C 81 32.04 27.23 -8.67
CA THR C 81 31.30 27.09 -7.41
C THR C 81 30.63 25.73 -7.31
N ASP C 82 30.05 25.25 -8.41
CA ASP C 82 29.25 24.02 -8.35
C ASP C 82 30.10 22.80 -7.99
N LYS C 83 31.36 22.76 -8.42
CA LYS C 83 32.23 21.65 -8.04
C LYS C 83 32.45 21.62 -6.53
N ARG C 84 32.81 22.78 -5.95
CA ARG C 84 33.03 22.86 -4.51
C ARG C 84 31.74 22.54 -3.74
N LEU C 85 30.61 23.07 -4.22
CA LEU C 85 29.32 22.76 -3.61
C LEU C 85 29.04 21.27 -3.63
N SER C 86 29.26 20.63 -4.78
CA SER C 86 28.97 19.20 -4.89
C SER C 86 29.85 18.40 -3.94
N ILE C 87 31.12 18.78 -3.82
CA ILE C 87 32.00 18.11 -2.87
C ILE C 87 31.46 18.28 -1.46
N SER C 88 30.99 19.49 -1.12
CA SER C 88 30.45 19.72 0.21
C SER C 88 29.21 18.87 0.48
N LEU C 89 28.30 18.78 -0.50
CA LEU C 89 27.09 17.98 -0.29
C LEU C 89 27.41 16.51 -0.13
N GLU C 90 28.26 15.96 -1.01
CA GLU C 90 28.59 14.55 -0.88
C GLU C 90 29.35 14.28 0.42
N HIS C 91 30.12 15.25 0.90
CA HIS C 91 30.75 15.11 2.21
C HIS C 91 29.72 15.10 3.32
N GLU C 92 28.64 15.89 3.19
CA GLU C 92 27.59 15.94 4.20
C GLU C 92 26.88 14.59 4.31
N ILE C 93 27.63 13.56 4.69
CA ILE C 93 27.15 12.19 4.77
C ILE C 93 28.04 11.41 5.73
N LEU C 112 11.10 10.71 1.41
CA LEU C 112 12.44 10.16 1.53
C LEU C 112 13.01 9.67 0.21
N LEU C 113 14.32 9.85 0.07
CA LEU C 113 15.08 9.25 -1.00
C LEU C 113 15.71 7.95 -0.52
N SER C 114 15.84 7.00 -1.43
CA SER C 114 16.55 5.77 -1.14
C SER C 114 18.00 5.91 -1.63
N ARG C 115 18.85 4.99 -1.15
CA ARG C 115 20.30 5.12 -1.37
C ARG C 115 20.64 5.26 -2.84
N SER C 116 19.88 4.61 -3.73
CA SER C 116 20.17 4.70 -5.16
C SER C 116 20.06 6.13 -5.67
N SER C 117 19.21 6.95 -5.04
CA SER C 117 19.09 8.35 -5.42
C SER C 117 20.20 9.22 -4.86
N ARG C 118 21.15 8.64 -4.11
CA ARG C 118 22.19 9.40 -3.43
C ARG C 118 22.92 10.34 -4.39
N LYS C 119 23.57 9.79 -5.41
CA LYS C 119 24.29 10.65 -6.34
C LYS C 119 23.36 11.66 -7.00
N ALA C 120 22.10 11.28 -7.22
CA ALA C 120 21.15 12.23 -7.81
C ALA C 120 20.87 13.38 -6.85
N LEU C 121 20.73 13.08 -5.55
CA LEU C 121 20.45 14.10 -4.55
C LEU C 121 21.34 15.32 -4.72
N ILE C 122 22.64 15.09 -4.88
CA ILE C 122 23.62 16.16 -5.05
C ILE C 122 23.11 17.16 -6.08
N TYR C 123 22.91 16.68 -7.31
CA TYR C 123 22.53 17.58 -8.39
C TYR C 123 21.22 18.28 -8.07
N LEU C 124 20.27 17.56 -7.46
CA LEU C 124 19.01 18.17 -7.07
C LEU C 124 19.26 19.39 -6.19
N VAL C 125 20.06 19.23 -5.14
CA VAL C 125 20.34 20.36 -4.27
C VAL C 125 21.00 21.48 -5.04
N LEU C 126 21.93 21.13 -5.95
CA LEU C 126 22.54 22.17 -6.78
C LEU C 126 21.47 22.95 -7.53
N THR C 127 20.50 22.26 -8.11
CA THR C 127 19.43 22.96 -8.81
C THR C 127 18.70 23.91 -7.88
N LEU C 128 18.42 23.46 -6.65
CA LEU C 128 17.80 24.35 -5.67
C LEU C 128 18.66 25.60 -5.47
N TYR C 129 19.97 25.41 -5.30
CA TYR C 129 20.84 26.56 -5.07
C TYR C 129 20.80 27.52 -6.26
N HIS C 130 20.60 27.00 -7.47
CA HIS C 130 20.54 27.90 -8.62
C HIS C 130 19.23 28.68 -8.68
N MET C 131 18.15 28.14 -8.10
CA MET C 131 16.91 28.88 -8.10
C MET C 131 16.86 29.86 -6.93
N TYR C 132 17.38 29.44 -5.77
CA TYR C 132 17.43 30.27 -4.58
C TYR C 132 18.83 30.19 -3.95
N PRO C 133 19.76 31.01 -4.46
CA PRO C 133 21.15 30.92 -3.97
C PRO C 133 21.35 31.49 -2.58
N ASP C 134 20.35 32.15 -2.00
CA ASP C 134 20.50 32.74 -0.67
C ASP C 134 19.91 31.88 0.44
N TYR C 135 19.39 30.70 0.13
CA TYR C 135 18.76 29.85 1.12
C TYR C 135 19.71 28.74 1.55
N ASP C 136 19.71 28.43 2.85
CA ASP C 136 20.60 27.41 3.42
C ASP C 136 19.99 26.04 3.20
N PHE C 137 20.23 25.45 2.04
CA PHE C 137 19.77 24.10 1.76
C PHE C 137 20.68 23.09 2.45
N SER C 138 20.10 21.94 2.78
CA SER C 138 20.84 20.91 3.48
C SER C 138 20.58 19.55 2.83
N ALA C 139 21.66 18.77 2.70
CA ALA C 139 21.55 17.46 2.05
C ALA C 139 20.67 16.49 2.83
N VAL C 140 20.65 16.59 4.17
CA VAL C 140 19.81 15.68 4.94
C VAL C 140 18.35 16.04 4.79
N LYS C 141 18.03 17.33 4.92
CA LYS C 141 16.63 17.70 4.78
C LYS C 141 16.15 17.55 3.34
N ALA C 142 17.05 17.64 2.37
CA ALA C 142 16.68 17.32 0.99
C ALA C 142 16.47 15.82 0.82
N HIS C 143 17.29 15.02 1.51
CA HIS C 143 17.07 13.59 1.57
C HIS C 143 15.69 13.25 2.14
N GLN C 144 15.18 14.08 3.06
CA GLN C 144 13.83 13.86 3.58
C GLN C 144 12.75 14.40 2.64
N PHE C 145 12.96 15.58 2.05
CA PHE C 145 11.89 16.27 1.33
C PHE C 145 11.77 15.83 -0.12
N PHE C 146 12.82 15.22 -0.69
CA PHE C 146 12.76 14.70 -2.04
C PHE C 146 12.19 13.29 -2.02
N THR C 147 11.33 12.99 -3.00
CA THR C 147 10.77 11.65 -3.14
C THR C 147 10.87 11.24 -4.60
N GLU C 148 11.40 10.04 -4.83
CA GLU C 148 11.53 9.57 -6.20
C GLU C 148 10.16 9.17 -6.73
N GLU C 149 9.86 9.62 -7.94
CA GLU C 149 8.56 9.41 -8.54
C GLU C 149 8.74 8.72 -9.88
N SER C 150 7.61 8.32 -10.46
CA SER C 150 7.54 7.73 -11.79
C SER C 150 6.84 8.71 -12.72
N TRP C 151 6.94 8.45 -14.02
CA TRP C 151 6.21 9.29 -14.96
C TRP C 151 4.70 9.20 -14.74
N ASN C 152 4.18 8.04 -14.33
CA ASN C 152 2.74 7.88 -14.18
C ASN C 152 2.19 8.76 -13.06
N THR C 153 2.82 8.74 -11.89
CA THR C 153 2.33 9.55 -10.78
C THR C 153 2.34 11.03 -11.13
N PHE C 154 3.41 11.50 -11.78
CA PHE C 154 3.41 12.88 -12.27
C PHE C 154 2.28 13.12 -13.25
N LYS C 155 1.98 12.13 -14.10
CA LYS C 155 0.89 12.27 -15.05
C LYS C 155 -0.44 12.48 -14.34
N GLN C 156 -0.76 11.63 -13.36
CA GLN C 156 -2.02 11.78 -12.64
C GLN C 156 -2.06 13.07 -11.83
N ILE C 157 -0.94 13.46 -11.21
CA ILE C 157 -0.93 14.72 -10.49
C ILE C 157 -1.26 15.86 -11.46
N PHE C 158 -0.75 15.76 -12.70
CA PHE C 158 -0.99 16.79 -13.70
C PHE C 158 -2.45 16.82 -14.15
N GLU C 159 -3.06 15.66 -14.41
CA GLU C 159 -4.46 15.68 -14.83
C GLU C 159 -5.40 15.99 -13.66
N THR C 160 -4.99 15.73 -12.43
CA THR C 160 -5.83 16.06 -11.29
C THR C 160 -5.80 17.55 -10.99
N TYR C 161 -4.60 18.14 -10.99
CA TYR C 161 -4.46 19.54 -10.60
C TYR C 161 -4.44 20.49 -11.79
N MET C 162 -3.83 20.08 -12.90
CA MET C 162 -3.62 20.97 -14.04
C MET C 162 -4.58 20.64 -15.18
N PHE C 163 -5.74 20.09 -14.87
CA PHE C 163 -6.68 19.71 -15.93
C PHE C 163 -7.33 20.93 -16.56
N GLU C 164 -7.63 21.95 -15.75
CA GLU C 164 -8.25 23.14 -16.28
C GLU C 164 -7.27 23.93 -17.14
N ALA C 165 -5.98 23.91 -16.80
CA ALA C 165 -4.99 24.58 -17.63
C ALA C 165 -4.77 23.86 -18.95
N SER C 166 -4.78 22.52 -18.94
CA SER C 166 -4.68 21.79 -20.20
C SER C 166 -5.95 21.97 -21.03
N LYS C 167 -7.09 22.15 -20.37
CA LYS C 167 -8.34 22.38 -21.08
C LYS C 167 -8.34 23.77 -21.70
N GLU C 168 -7.84 24.77 -20.97
CA GLU C 168 -7.69 26.11 -21.50
C GLU C 168 -6.63 26.14 -22.59
N TRP C 169 -5.66 25.23 -22.52
CA TRP C 169 -4.66 25.09 -23.58
C TRP C 169 -5.29 24.54 -24.86
N SER C 170 -6.13 23.51 -24.73
CA SER C 170 -6.74 22.91 -25.90
C SER C 170 -7.62 23.91 -26.66
N GLU C 171 -8.20 24.88 -25.94
CA GLU C 171 -9.00 25.91 -26.61
C GLU C 171 -8.16 27.00 -27.27
N THR C 172 -6.84 27.00 -27.07
CA THR C 172 -5.96 27.98 -27.68
C THR C 172 -5.06 27.39 -28.77
N TYR C 173 -4.51 26.20 -28.56
CA TYR C 173 -3.66 25.52 -29.52
C TYR C 173 -4.40 24.31 -30.10
N GLY C 174 -3.64 23.35 -30.60
CA GLY C 174 -4.22 22.17 -31.22
C GLY C 174 -5.05 21.31 -30.29
N LEU C 178 -1.89 20.14 -23.29
CA LEU C 178 -0.74 20.85 -22.78
C LEU C 178 0.34 19.82 -22.43
N LEU C 179 -0.11 18.74 -21.78
CA LEU C 179 0.80 17.69 -21.34
C LEU C 179 1.56 17.08 -22.52
N GLU C 180 0.92 17.01 -23.70
CA GLU C 180 1.62 16.48 -24.86
C GLU C 180 2.82 17.35 -25.24
N THR C 181 2.60 18.65 -25.44
CA THR C 181 3.71 19.54 -25.77
C THR C 181 4.77 19.54 -24.67
N LEU C 182 4.34 19.48 -23.41
CA LEU C 182 5.30 19.44 -22.30
C LEU C 182 6.14 18.17 -22.34
N TYR C 183 5.51 17.02 -22.62
CA TYR C 183 6.28 15.79 -22.72
C TYR C 183 7.32 15.88 -23.82
N LYS C 184 6.95 16.52 -24.94
CA LYS C 184 7.91 16.62 -26.04
C LYS C 184 9.05 17.57 -25.68
N ALA C 185 8.73 18.67 -24.99
CA ALA C 185 9.76 19.61 -24.57
C ALA C 185 10.73 18.96 -23.59
N LEU C 186 10.21 18.28 -22.57
CA LEU C 186 11.07 17.53 -21.68
C LEU C 186 11.91 16.52 -22.45
N ASP C 187 11.31 15.86 -23.46
CA ASP C 187 12.04 14.81 -24.17
C ASP C 187 13.18 15.37 -25.00
N GLU C 188 12.97 16.52 -25.66
CA GLU C 188 14.05 17.12 -26.44
C GLU C 188 15.15 17.64 -25.54
N VAL C 189 14.78 18.21 -24.39
CA VAL C 189 15.81 18.75 -23.50
C VAL C 189 16.51 17.63 -22.73
N VAL C 190 15.76 16.66 -22.21
CA VAL C 190 16.36 15.55 -21.46
C VAL C 190 15.71 14.24 -21.90
N LYS C 191 16.50 13.18 -21.90
CA LYS C 191 16.06 11.86 -22.36
C LYS C 191 15.17 11.25 -21.28
N LEU C 192 13.85 11.38 -21.40
CA LEU C 192 12.95 10.96 -20.33
C LEU C 192 13.06 9.47 -19.99
N PRO C 193 13.10 8.55 -20.95
CA PRO C 193 13.34 7.14 -20.58
C PRO C 193 14.65 6.96 -19.83
N GLU C 194 15.57 7.91 -19.92
CA GLU C 194 16.84 7.87 -19.23
C GLU C 194 16.78 8.66 -17.94
N CYS C 195 15.63 9.28 -17.65
CA CYS C 195 15.49 10.20 -16.53
C CYS C 195 15.20 9.51 -15.21
N GLU C 196 15.46 10.26 -14.15
CA GLU C 196 14.97 10.00 -12.82
C GLU C 196 14.07 11.18 -12.47
N ILE C 197 12.88 10.88 -11.94
CA ILE C 197 11.89 11.90 -11.64
C ILE C 197 11.83 12.05 -10.13
N TYR C 198 11.74 13.28 -9.65
CA TYR C 198 11.70 13.53 -8.21
C TYR C 198 10.70 14.64 -7.91
N SER C 199 10.16 14.61 -6.70
CA SER C 199 9.27 15.65 -6.21
C SER C 199 9.87 16.26 -4.95
N TYR C 200 9.78 17.59 -4.85
CA TYR C 200 10.27 18.33 -3.69
C TYR C 200 9.10 18.80 -2.85
N ASN C 201 9.04 18.34 -1.60
CA ASN C 201 7.93 18.66 -0.68
C ASN C 201 8.51 19.04 0.68
N PRO C 202 8.97 20.28 0.83
CA PRO C 202 9.51 20.71 2.12
C PRO C 202 8.42 21.07 3.12
N ASP C 203 8.81 21.12 4.39
CA ASP C 203 7.89 21.45 5.48
C ASP C 203 7.83 22.95 5.78
N SER C 204 8.97 23.54 6.14
CA SER C 204 9.00 24.82 6.86
C SER C 204 8.35 25.95 6.08
N ASP C 205 7.84 26.93 6.81
CA ASP C 205 7.31 28.15 6.20
C ASP C 205 8.39 28.97 5.51
N SER C 206 9.65 28.81 5.93
CA SER C 206 10.75 29.57 5.35
C SER C 206 11.17 29.07 3.98
N ASP C 207 10.81 27.84 3.63
CA ASP C 207 11.29 27.23 2.39
C ASP C 207 10.44 27.71 1.21
N PRO C 208 11.06 28.25 0.15
CA PRO C 208 10.38 28.75 -1.05
C PRO C 208 10.04 27.64 -2.04
N ALA C 214 -1.63 30.23 -1.18
CA ALA C 214 -1.24 29.10 -2.04
C ALA C 214 -2.18 27.93 -1.85
N ILE C 215 -3.03 27.68 -2.85
CA ILE C 215 -3.99 26.57 -2.79
C ILE C 215 -3.27 25.24 -2.85
N TRP C 216 -2.37 25.07 -3.83
CA TRP C 216 -1.51 23.89 -3.90
C TRP C 216 -0.27 24.23 -4.70
N SER C 217 0.81 23.50 -4.42
CA SER C 217 2.08 23.71 -5.09
C SER C 217 2.79 22.37 -5.30
N PHE C 218 3.34 22.20 -6.50
CA PHE C 218 4.14 21.02 -6.82
C PHE C 218 5.40 21.45 -7.56
N ASN C 219 6.51 20.80 -7.23
CA ASN C 219 7.79 20.99 -7.89
C ASN C 219 8.38 19.62 -8.22
N PHE C 220 8.51 19.33 -9.52
CA PHE C 220 9.08 18.10 -10.00
C PHE C 220 10.40 18.38 -10.70
N PHE C 221 11.28 17.38 -10.69
CA PHE C 221 12.61 17.48 -11.26
C PHE C 221 12.87 16.28 -12.15
N PHE C 222 13.34 16.53 -13.37
CA PHE C 222 13.65 15.51 -14.35
C PHE C 222 15.15 15.51 -14.60
N TYR C 223 15.82 14.41 -14.27
CA TYR C 223 17.26 14.36 -14.17
C TYR C 223 17.86 13.28 -15.06
N ASN C 224 18.99 13.59 -15.70
CA ASN C 224 19.73 12.63 -16.53
C ASN C 224 21.19 12.67 -16.14
N ARG C 225 21.72 11.49 -15.75
CA ARG C 225 23.11 11.40 -15.28
C ARG C 225 24.11 11.58 -16.41
N LYS C 226 23.95 10.83 -17.50
CA LYS C 226 24.93 10.93 -18.57
C LYS C 226 24.87 12.26 -19.29
N LEU C 227 23.73 12.92 -19.26
CA LEU C 227 23.66 14.28 -19.78
C LEU C 227 24.04 15.32 -18.74
N LYS C 228 24.21 14.91 -17.47
CA LYS C 228 24.51 15.84 -16.38
C LYS C 228 23.51 17.00 -16.39
N ARG C 229 22.23 16.68 -16.57
CA ARG C 229 21.25 17.73 -16.81
C ARG C 229 20.02 17.53 -15.95
N VAL C 230 19.45 18.65 -15.50
CA VAL C 230 18.26 18.67 -14.66
C VAL C 230 17.30 19.71 -15.20
N VAL C 231 16.03 19.35 -15.33
CA VAL C 231 14.98 20.29 -15.68
C VAL C 231 14.00 20.39 -14.51
N SER C 232 13.73 21.61 -14.06
CA SER C 232 12.84 21.89 -12.94
C SER C 232 11.49 22.35 -13.47
N PHE C 233 10.41 21.74 -12.96
CA PHE C 233 9.05 22.16 -13.30
C PHE C 233 8.32 22.60 -12.04
N ARG C 234 7.88 23.86 -12.03
CA ARG C 234 7.11 24.41 -10.92
C ARG C 234 5.69 24.68 -11.38
N PHE C 235 4.73 24.31 -10.56
CA PHE C 235 3.37 24.73 -10.87
C PHE C 235 2.60 24.84 -9.58
N SER C 236 1.91 25.95 -9.42
CA SER C 236 1.16 26.26 -8.21
C SER C 236 -0.12 26.98 -8.59
N CYS C 237 -1.03 27.05 -7.62
CA CYS C 237 -2.27 27.78 -7.76
C CYS C 237 -2.37 28.77 -6.61
N LEU C 238 -2.73 30.01 -6.94
CA LEU C 238 -2.72 31.10 -5.97
C LEU C 238 -4.06 31.82 -5.99
N SER C 239 -4.49 32.25 -4.81
CA SER C 239 -5.66 33.11 -4.68
C SER C 239 -5.26 34.57 -4.87
N ASN C 240 -6.25 35.40 -5.21
CA ASN C 240 -5.98 36.79 -5.57
C ASN C 240 -6.06 37.76 -4.40
N LEU C 241 -6.23 37.28 -3.18
CA LEU C 241 -6.15 38.16 -2.01
C LEU C 241 -4.92 37.79 -1.17
N PRO D 49 -32.65 14.08 -5.72
CA PRO D 49 -31.67 15.14 -6.01
C PRO D 49 -30.29 14.81 -5.45
N LEU D 50 -30.15 14.93 -4.13
CA LEU D 50 -28.93 14.49 -3.47
C LEU D 50 -28.70 13.00 -3.71
N ASP D 51 -29.78 12.24 -3.89
CA ASP D 51 -29.64 10.82 -4.22
C ASP D 51 -28.98 10.67 -5.59
N ARG D 52 -29.37 11.53 -6.53
CA ARG D 52 -28.75 11.57 -7.85
C ARG D 52 -27.28 11.94 -7.75
N ILE D 53 -26.95 12.94 -6.92
CA ILE D 53 -25.55 13.35 -6.78
C ILE D 53 -24.72 12.22 -6.17
N ASN D 54 -25.18 11.64 -5.06
CA ASN D 54 -24.41 10.60 -4.40
C ASN D 54 -24.26 9.37 -5.29
N ASP D 55 -25.27 9.05 -6.10
CA ASP D 55 -25.11 7.97 -7.07
C ASP D 55 -24.11 8.40 -8.15
N PHE D 56 -24.13 9.66 -8.53
CA PHE D 56 -23.20 10.18 -9.54
C PHE D 56 -21.77 10.15 -9.03
N LEU D 57 -21.54 10.53 -7.79
CA LEU D 57 -20.21 10.57 -7.21
C LEU D 57 -19.88 9.30 -6.43
N ASP D 58 -20.65 8.24 -6.62
CA ASP D 58 -20.34 6.93 -6.04
C ASP D 58 -19.30 6.27 -6.92
N HIS D 59 -18.03 6.43 -6.56
CA HIS D 59 -16.89 5.90 -7.32
C HIS D 59 -16.99 6.29 -8.79
N LEU D 60 -16.82 7.59 -9.03
CA LEU D 60 -16.80 8.14 -10.38
C LEU D 60 -15.40 7.96 -10.96
N ASN D 61 -15.31 7.29 -12.10
CA ASN D 61 -14.04 6.89 -12.68
C ASN D 61 -13.67 7.79 -13.85
N LEU D 62 -12.43 8.29 -13.84
CA LEU D 62 -11.87 9.13 -14.90
C LEU D 62 -10.78 8.41 -15.65
N GLY D 63 -10.89 7.09 -15.79
CA GLY D 63 -9.94 6.27 -16.52
C GLY D 63 -8.87 5.70 -15.64
N GLU D 64 -8.12 6.58 -14.98
CA GLU D 64 -7.04 6.20 -14.08
C GLU D 64 -7.27 6.61 -12.63
N ARG D 65 -8.01 7.69 -12.38
CA ARG D 65 -8.32 8.14 -11.04
C ARG D 65 -9.81 7.98 -10.76
N THR D 66 -10.17 8.01 -9.48
CA THR D 66 -11.56 7.85 -9.04
C THR D 66 -11.93 8.97 -8.08
N ILE D 67 -13.15 9.49 -8.24
CA ILE D 67 -13.68 10.57 -7.40
C ILE D 67 -14.78 10.00 -6.52
N LYS D 68 -14.69 10.27 -5.23
CA LYS D 68 -15.66 9.82 -4.24
C LYS D 68 -16.36 11.02 -3.62
N GLY D 69 -17.68 10.95 -3.56
CA GLY D 69 -18.48 12.01 -2.93
C GLY D 69 -19.59 11.44 -2.08
N CYS D 70 -19.87 12.08 -0.95
CA CYS D 70 -20.88 11.59 -0.02
C CYS D 70 -21.53 12.78 0.68
N LEU D 71 -22.83 12.93 0.49
CA LEU D 71 -23.65 13.91 1.19
C LEU D 71 -24.52 13.19 2.20
N GLU D 72 -24.54 13.70 3.43
CA GLU D 72 -25.32 13.09 4.49
C GLU D 72 -25.99 14.19 5.31
N ALA D 73 -27.27 14.01 5.61
CA ALA D 73 -28.03 15.00 6.37
C ALA D 73 -28.29 14.47 7.77
N TYR D 74 -28.14 15.35 8.76
CA TYR D 74 -28.32 14.97 10.16
C TYR D 74 -29.10 16.05 10.90
N SER D 75 -30.19 15.65 11.53
CA SER D 75 -30.97 16.52 12.39
C SER D 75 -30.63 16.17 13.83
N CYS D 76 -30.08 17.14 14.57
CA CYS D 76 -29.60 16.86 15.92
C CYS D 76 -30.77 16.64 16.88
N LYS D 77 -30.69 15.56 17.65
CA LYS D 77 -31.68 15.23 18.66
C LYS D 77 -31.09 15.51 20.04
N HIS D 78 -31.95 15.94 20.96
CA HIS D 78 -31.56 16.16 22.35
C HIS D 78 -32.26 15.17 23.25
N THR D 79 -32.38 13.94 22.76
CA THR D 79 -32.92 12.83 23.53
C THR D 79 -32.05 11.60 23.27
N GLY D 80 -31.92 10.77 24.30
CA GLY D 80 -31.24 9.51 24.10
C GLY D 80 -29.74 9.59 24.14
N THR D 81 -29.10 8.88 23.21
CA THR D 81 -27.64 8.83 23.19
C THR D 81 -27.04 10.21 22.96
N ASP D 82 -27.60 10.99 22.04
CA ASP D 82 -27.00 12.27 21.70
C ASP D 82 -27.05 13.25 22.85
N LYS D 83 -28.11 13.21 23.67
CA LYS D 83 -28.16 14.10 24.83
C LYS D 83 -27.03 13.78 25.79
N ARG D 84 -26.88 12.50 26.15
CA ARG D 84 -25.81 12.09 27.04
C ARG D 84 -24.44 12.40 26.45
N LEU D 85 -24.27 12.17 25.14
CA LEU D 85 -23.00 12.50 24.48
C LEU D 85 -22.69 13.99 24.58
N SER D 86 -23.67 14.85 24.30
CA SER D 86 -23.44 16.28 24.34
C SER D 86 -23.09 16.76 25.74
N ILE D 87 -23.79 16.23 26.75
CA ILE D 87 -23.46 16.60 28.13
C ILE D 87 -22.03 16.19 28.46
N SER D 88 -21.66 14.97 28.07
CA SER D 88 -20.31 14.50 28.34
C SER D 88 -19.26 15.37 27.64
N LEU D 89 -19.52 15.74 26.38
CA LEU D 89 -18.58 16.56 25.63
C LEU D 89 -18.43 17.95 26.24
N GLU D 90 -19.55 18.59 26.57
CA GLU D 90 -19.43 19.91 27.16
C GLU D 90 -18.74 19.84 28.52
N HIS D 91 -18.90 18.73 29.25
CA HIS D 91 -18.11 18.54 30.46
C HIS D 91 -16.63 18.40 30.10
N GLU D 92 -16.31 17.80 28.96
CA GLU D 92 -14.92 17.76 28.52
C GLU D 92 -14.38 19.16 28.32
N ILE D 93 -15.23 20.07 27.83
CA ILE D 93 -14.77 21.40 27.50
C ILE D 93 -14.67 22.27 28.75
N LEU D 94 -15.58 22.09 29.70
CA LEU D 94 -15.51 22.84 30.95
C LEU D 94 -14.37 22.33 31.83
N ASP D 95 -14.09 21.03 31.79
CA ASP D 95 -12.92 20.51 32.49
C ASP D 95 -11.65 21.05 31.86
N TYR D 96 -11.59 21.08 30.51
CA TYR D 96 -10.40 21.59 29.83
C TYR D 96 -10.17 23.05 30.16
N LEU D 97 -11.20 23.88 30.04
CA LEU D 97 -11.08 25.29 30.43
C LEU D 97 -10.73 25.43 31.90
N GLY D 98 -11.17 24.49 32.74
CA GLY D 98 -10.85 24.55 34.15
C GLY D 98 -9.38 24.31 34.43
N LYS D 99 -8.81 23.25 33.83
CA LYS D 99 -7.38 23.02 33.95
C LYS D 99 -6.56 24.06 33.22
N SER D 100 -7.13 24.70 32.20
CA SER D 100 -6.39 25.64 31.37
C SER D 100 -6.06 26.93 32.11
N LEU D 101 -6.78 27.25 33.19
CA LEU D 101 -6.53 28.48 33.93
C LEU D 101 -5.36 28.36 34.89
N ASP D 102 -4.92 27.14 35.21
CA ASP D 102 -3.82 26.92 36.13
C ASP D 102 -2.47 26.88 35.43
N THR D 103 -2.38 27.40 34.22
CA THR D 103 -1.15 27.34 33.43
C THR D 103 -0.62 28.73 33.09
N LYS D 119 -20.27 27.11 21.52
CA LYS D 119 -20.20 25.65 21.49
C LYS D 119 -20.92 24.96 20.32
N ALA D 120 -20.99 25.62 19.16
CA ALA D 120 -21.53 24.96 17.97
C ALA D 120 -20.75 23.69 17.69
N LEU D 121 -19.46 23.71 18.01
CA LEU D 121 -18.53 22.59 17.90
C LEU D 121 -19.20 21.31 18.36
N ILE D 122 -19.94 21.37 19.48
CA ILE D 122 -20.62 20.18 20.02
C ILE D 122 -21.34 19.44 18.91
N TYR D 123 -22.28 20.13 18.24
CA TYR D 123 -23.06 19.48 17.20
C TYR D 123 -22.16 18.89 16.12
N LEU D 124 -21.11 19.64 15.73
CA LEU D 124 -20.16 19.13 14.76
C LEU D 124 -19.59 17.79 15.21
N VAL D 125 -19.10 17.73 16.45
CA VAL D 125 -18.54 16.48 16.96
C VAL D 125 -19.61 15.39 16.92
N LEU D 126 -20.85 15.74 17.27
CA LEU D 126 -21.93 14.78 17.21
C LEU D 126 -22.07 14.21 15.80
N THR D 127 -21.99 15.08 14.78
CA THR D 127 -22.07 14.60 13.41
C THR D 127 -20.96 13.59 13.14
N LEU D 128 -19.74 13.86 13.63
CA LEU D 128 -18.65 12.91 13.48
C LEU D 128 -19.04 11.57 14.10
N TYR D 129 -19.58 11.61 15.32
CA TYR D 129 -19.99 10.39 15.99
C TYR D 129 -21.06 9.65 15.19
N HIS D 130 -21.91 10.40 14.47
CA HIS D 130 -22.93 9.73 13.68
C HIS D 130 -22.31 9.06 12.45
N MET D 131 -21.19 9.60 11.96
CA MET D 131 -20.50 9.00 10.83
C MET D 131 -19.52 7.92 11.25
N TYR D 132 -18.84 8.08 12.40
CA TYR D 132 -17.86 7.11 12.87
C TYR D 132 -18.16 6.84 14.34
N PRO D 133 -19.15 5.98 14.62
CA PRO D 133 -19.56 5.76 16.03
C PRO D 133 -18.59 4.93 16.83
N ASP D 134 -17.56 4.36 16.21
CA ASP D 134 -16.59 3.53 16.92
C ASP D 134 -15.31 4.27 17.26
N TYR D 135 -15.21 5.55 16.93
CA TYR D 135 -13.98 6.32 17.14
C TYR D 135 -14.10 7.22 18.36
N ASP D 136 -13.02 7.30 19.13
CA ASP D 136 -12.94 8.10 20.34
C ASP D 136 -12.61 9.54 19.97
N PHE D 137 -13.64 10.32 19.64
CA PHE D 137 -13.47 11.73 19.36
C PHE D 137 -13.35 12.55 20.65
N SER D 138 -12.69 13.70 20.54
CA SER D 138 -12.49 14.60 21.66
C SER D 138 -12.82 16.02 21.22
N ALA D 139 -13.54 16.75 22.08
CA ALA D 139 -13.97 18.10 21.73
C ALA D 139 -12.82 19.07 21.55
N VAL D 140 -11.73 18.91 22.29
CA VAL D 140 -10.62 19.86 22.18
C VAL D 140 -9.91 19.69 20.85
N LYS D 141 -9.60 18.45 20.47
CA LYS D 141 -8.92 18.21 19.22
C LYS D 141 -9.82 18.49 18.02
N ALA D 142 -11.14 18.39 18.20
CA ALA D 142 -12.04 18.80 17.12
C ALA D 142 -12.07 20.32 16.98
N HIS D 143 -12.07 21.05 18.10
CA HIS D 143 -11.92 22.50 18.01
C HIS D 143 -10.61 22.85 17.32
N GLN D 144 -9.61 21.96 17.44
CA GLN D 144 -8.32 22.17 16.81
C GLN D 144 -8.38 21.90 15.31
N PHE D 145 -9.07 20.83 14.90
CA PHE D 145 -9.10 20.39 13.51
C PHE D 145 -10.20 21.05 12.68
N PHE D 146 -11.22 21.60 13.31
CA PHE D 146 -12.29 22.29 12.59
C PHE D 146 -11.86 23.72 12.26
N THR D 147 -12.20 24.17 11.07
CA THR D 147 -11.89 25.52 10.62
C THR D 147 -13.13 26.15 10.02
N GLU D 148 -13.47 27.35 10.48
CA GLU D 148 -14.64 28.04 9.95
C GLU D 148 -14.33 28.60 8.57
N GLU D 149 -15.22 28.34 7.61
CA GLU D 149 -15.03 28.74 6.23
C GLU D 149 -16.25 29.53 5.75
N SER D 150 -16.12 30.07 4.54
CA SER D 150 -17.21 30.78 3.88
C SER D 150 -17.67 29.98 2.67
N TRP D 151 -18.85 30.33 2.16
CA TRP D 151 -19.32 29.69 0.93
C TRP D 151 -18.38 29.93 -0.23
N ASN D 152 -17.78 31.13 -0.30
CA ASN D 152 -16.86 31.42 -1.39
C ASN D 152 -15.62 30.56 -1.31
N THR D 153 -15.07 30.37 -0.11
CA THR D 153 -13.91 29.50 0.04
C THR D 153 -14.21 28.09 -0.46
N PHE D 154 -15.37 27.56 -0.10
CA PHE D 154 -15.79 26.25 -0.61
C PHE D 154 -15.96 26.26 -2.13
N LYS D 155 -16.51 27.36 -2.67
CA LYS D 155 -16.65 27.45 -4.12
C LYS D 155 -15.29 27.39 -4.80
N GLN D 156 -14.33 28.16 -4.29
CA GLN D 156 -12.99 28.18 -4.89
C GLN D 156 -12.34 26.81 -4.78
N ILE D 157 -12.48 26.15 -3.62
CA ILE D 157 -11.95 24.79 -3.46
C ILE D 157 -12.62 23.83 -4.44
N PHE D 158 -13.92 24.01 -4.68
CA PHE D 158 -14.67 23.11 -5.54
C PHE D 158 -14.25 23.26 -7.00
N GLU D 159 -14.09 24.50 -7.45
CA GLU D 159 -13.65 24.72 -8.82
C GLU D 159 -12.18 24.40 -9.00
N THR D 160 -11.41 24.39 -7.91
CA THR D 160 -10.01 23.99 -8.02
C THR D 160 -9.87 22.48 -8.14
N TYR D 161 -10.59 21.72 -7.31
CA TYR D 161 -10.40 20.27 -7.26
C TYR D 161 -11.40 19.48 -8.09
N MET D 162 -12.65 19.91 -8.18
CA MET D 162 -13.73 19.14 -8.79
C MET D 162 -14.13 19.65 -10.17
N PHE D 163 -13.18 20.18 -10.94
CA PHE D 163 -13.55 20.74 -12.24
C PHE D 163 -13.92 19.64 -13.25
N GLU D 164 -13.24 18.50 -13.19
CA GLU D 164 -13.58 17.40 -14.09
C GLU D 164 -14.93 16.78 -13.75
N ALA D 165 -15.30 16.75 -12.47
CA ALA D 165 -16.60 16.22 -12.09
C ALA D 165 -17.71 17.14 -12.59
N SER D 166 -17.50 18.45 -12.52
CA SER D 166 -18.44 19.39 -13.12
C SER D 166 -18.41 19.25 -14.64
N LYS D 167 -17.28 18.78 -15.18
CA LYS D 167 -17.19 18.56 -16.62
C LYS D 167 -18.09 17.42 -17.06
N GLU D 168 -18.08 16.29 -16.32
CA GLU D 168 -19.03 15.23 -16.65
C GLU D 168 -20.46 15.58 -16.25
N TRP D 169 -20.65 16.38 -15.21
CA TRP D 169 -22.01 16.75 -14.82
C TRP D 169 -22.66 17.59 -15.90
N SER D 170 -21.93 18.54 -16.48
CA SER D 170 -22.50 19.37 -17.53
C SER D 170 -23.00 18.52 -18.70
N GLU D 171 -22.42 17.34 -18.91
CA GLU D 171 -22.90 16.44 -19.95
C GLU D 171 -24.17 15.70 -19.55
N THR D 172 -24.63 15.85 -18.31
CA THR D 172 -25.85 15.19 -17.83
C THR D 172 -26.96 16.21 -17.59
N SER D 177 -24.92 24.99 -13.12
CA SER D 177 -24.26 23.71 -13.36
C SER D 177 -24.27 22.86 -12.10
N LEU D 178 -23.25 22.03 -11.95
CA LEU D 178 -23.15 21.16 -10.78
C LEU D 178 -23.11 21.98 -9.49
N LEU D 179 -22.30 23.04 -9.46
CA LEU D 179 -22.21 23.85 -8.26
C LEU D 179 -23.57 24.45 -7.91
N GLU D 180 -24.37 24.80 -8.91
CA GLU D 180 -25.72 25.29 -8.63
C GLU D 180 -26.58 24.20 -8.00
N THR D 181 -26.62 23.01 -8.60
CA THR D 181 -27.41 21.92 -8.02
C THR D 181 -26.98 21.62 -6.59
N LEU D 182 -25.67 21.63 -6.31
CA LEU D 182 -25.21 21.43 -4.94
C LEU D 182 -25.65 22.55 -4.01
N TYR D 183 -25.48 23.81 -4.45
CA TYR D 183 -25.86 24.96 -3.64
C TYR D 183 -27.36 24.97 -3.34
N LYS D 184 -28.17 24.69 -4.35
CA LYS D 184 -29.61 24.72 -4.19
C LYS D 184 -30.14 23.50 -3.45
N ALA D 185 -29.53 22.32 -3.66
CA ALA D 185 -29.93 21.16 -2.87
C ALA D 185 -29.62 21.40 -1.39
N LEU D 186 -28.38 21.82 -1.11
CA LEU D 186 -28.00 22.20 0.25
C LEU D 186 -28.92 23.27 0.79
N ASP D 187 -29.34 24.21 -0.08
CA ASP D 187 -30.19 25.32 0.35
C ASP D 187 -31.58 24.82 0.69
N GLU D 188 -32.09 23.85 -0.06
CA GLU D 188 -33.40 23.28 0.26
C GLU D 188 -33.35 22.53 1.57
N VAL D 189 -32.24 21.84 1.85
CA VAL D 189 -32.14 21.12 3.11
C VAL D 189 -31.82 22.08 4.26
N VAL D 190 -30.90 23.01 4.05
CA VAL D 190 -30.50 23.97 5.08
C VAL D 190 -30.37 25.36 4.44
N LYS D 191 -30.74 26.40 5.18
CA LYS D 191 -30.73 27.75 4.59
C LYS D 191 -29.30 28.25 4.46
N LEU D 192 -28.76 28.16 3.25
CA LEU D 192 -27.35 28.51 3.03
C LEU D 192 -27.02 29.94 3.44
N PRO D 193 -27.81 30.97 3.14
CA PRO D 193 -27.49 32.31 3.66
C PRO D 193 -27.39 32.36 5.18
N GLU D 194 -28.03 31.45 5.89
CA GLU D 194 -27.94 31.38 7.34
C GLU D 194 -26.99 30.30 7.84
N CYS D 195 -26.32 29.58 6.95
CA CYS D 195 -25.50 28.47 7.41
C CYS D 195 -24.15 28.96 7.92
N GLU D 196 -23.51 28.09 8.70
CA GLU D 196 -22.12 28.19 9.08
C GLU D 196 -21.38 27.04 8.44
N ILE D 197 -20.26 27.34 7.78
CA ILE D 197 -19.52 26.35 7.01
C ILE D 197 -18.24 26.02 7.76
N TYR D 198 -17.88 24.74 7.77
CA TYR D 198 -16.72 24.27 8.50
C TYR D 198 -15.98 23.24 7.67
N SER D 199 -14.68 23.13 7.91
CA SER D 199 -13.83 22.12 7.30
C SER D 199 -13.19 21.29 8.40
N TYR D 200 -13.15 19.98 8.18
CA TYR D 200 -12.55 19.03 9.10
C TYR D 200 -11.23 18.55 8.51
N ASN D 201 -10.14 18.78 9.26
CA ASN D 201 -8.78 18.46 8.80
C ASN D 201 -8.02 17.72 9.90
N PRO D 202 -8.26 16.43 10.06
CA PRO D 202 -7.53 15.66 11.07
C PRO D 202 -6.13 15.30 10.60
N ASP D 203 -5.32 14.81 11.54
CA ASP D 203 -3.95 14.41 11.25
C ASP D 203 -3.85 12.96 10.74
N ALA D 214 -5.58 7.92 -2.33
CA ALA D 214 -6.02 9.13 -1.62
C ALA D 214 -5.16 10.33 -1.98
N ILE D 215 -5.40 10.91 -3.15
CA ILE D 215 -4.65 12.10 -3.57
C ILE D 215 -5.04 13.31 -2.73
N TRP D 216 -6.34 13.54 -2.55
CA TRP D 216 -6.80 14.59 -1.66
C TRP D 216 -8.19 14.25 -1.15
N SER D 217 -8.50 14.77 0.04
CA SER D 217 -9.79 14.52 0.69
C SER D 217 -10.22 15.79 1.43
N PHE D 218 -11.50 16.14 1.30
CA PHE D 218 -12.06 17.31 1.94
C PHE D 218 -13.36 16.95 2.62
N ASN D 219 -13.58 17.51 3.81
CA ASN D 219 -14.79 17.29 4.59
C ASN D 219 -15.34 18.64 5.00
N PHE D 220 -16.49 19.00 4.44
CA PHE D 220 -17.16 20.25 4.76
C PHE D 220 -18.47 19.96 5.50
N PHE D 221 -18.86 20.91 6.33
CA PHE D 221 -20.07 20.80 7.14
C PHE D 221 -20.85 22.10 6.99
N PHE D 222 -22.13 21.98 6.67
CA PHE D 222 -23.02 23.12 6.54
C PHE D 222 -24.05 23.03 7.65
N TYR D 223 -24.02 23.99 8.57
CA TYR D 223 -24.73 23.89 9.84
C TYR D 223 -25.70 25.06 9.97
N ASN D 224 -26.89 24.78 10.50
CA ASN D 224 -27.89 25.82 10.78
C ASN D 224 -28.41 25.60 12.19
N ARG D 225 -28.26 26.62 13.04
CA ARG D 225 -28.69 26.46 14.43
C ARG D 225 -30.20 26.44 14.58
N LYS D 226 -30.94 27.31 13.87
CA LYS D 226 -32.39 27.28 14.08
C LYS D 226 -33.05 26.02 13.51
N LEU D 227 -32.45 25.39 12.50
CA LEU D 227 -32.99 24.13 12.02
C LEU D 227 -32.44 22.93 12.75
N LYS D 228 -31.44 23.13 13.62
CA LYS D 228 -30.75 22.07 14.36
C LYS D 228 -30.27 20.99 13.39
N ARG D 229 -29.73 21.41 12.24
CA ARG D 229 -29.38 20.48 11.19
C ARG D 229 -28.00 20.75 10.63
N VAL D 230 -27.29 19.67 10.27
CA VAL D 230 -25.95 19.72 9.71
C VAL D 230 -25.92 18.79 8.51
N VAL D 231 -25.36 19.26 7.40
CA VAL D 231 -25.16 18.43 6.22
C VAL D 231 -23.66 18.30 5.99
N SER D 232 -23.20 17.06 5.91
CA SER D 232 -21.78 16.75 5.71
C SER D 232 -21.55 16.37 4.26
N PHE D 233 -20.57 17.03 3.65
CA PHE D 233 -20.12 16.71 2.30
C PHE D 233 -18.67 16.30 2.36
N ARG D 234 -18.39 15.05 1.98
CA ARG D 234 -17.03 14.53 1.90
C ARG D 234 -16.72 14.20 0.46
N PHE D 235 -15.52 14.55 0.01
CA PHE D 235 -15.13 14.19 -1.35
C PHE D 235 -13.63 14.01 -1.41
N SER D 236 -13.21 12.94 -2.09
CA SER D 236 -11.81 12.56 -2.18
C SER D 236 -11.51 12.09 -3.59
N CYS D 237 -10.23 12.03 -3.92
CA CYS D 237 -9.77 11.47 -5.18
C CYS D 237 -8.68 10.45 -4.90
N LEU D 238 -8.77 9.29 -5.56
CA LEU D 238 -7.87 8.18 -5.31
C LEU D 238 -7.28 7.67 -6.62
N SER D 239 -6.01 7.25 -6.55
CA SER D 239 -5.33 6.59 -7.64
C SER D 239 -5.60 5.08 -7.59
N ASN D 240 -5.46 4.44 -8.75
CA ASN D 240 -5.78 3.03 -8.88
C ASN D 240 -4.55 2.15 -8.69
#